data_7UM6
#
_entry.id   7UM6
#
_cell.length_a   1.00
_cell.length_b   1.00
_cell.length_c   1.00
_cell.angle_alpha   90.00
_cell.angle_beta   90.00
_cell.angle_gamma   90.00
#
_symmetry.space_group_name_H-M   'P 1'
#
loop_
_entity.id
_entity.type
_entity.pdbx_description
1 polymer '5-hydroxytryptamine receptor 5A'
2 polymer 'miniGo protein'
3 polymer 'Guanine nucleotide-binding protein G(I)/G(S)/G(T) subunit beta-1'
4 polymer 'Guanine nucleotide-binding protein G(I)/G(S)/G(O) subunit gamma-2'
5 polymer 'Single-chain variable fragment scFv16'
6 non-polymer "N,N-diethyl-N'-[(8alpha)-6-methyl-9,10-didehydroergolin-8-yl]urea"
#
loop_
_entity_poly.entity_id
_entity_poly.type
_entity_poly.pdbx_seq_one_letter_code
_entity_poly.pdbx_strand_id
1 'polypeptide(L)'
;SSPLLSVFGVLILTLLGFLVAATFAWNLLVLATILRVRTFHRVPHNLVASMAVSDVLVAALVMPLSLVHELSGRRWQLGR
RLCQLWIACDVLCCTASIWNVTAIALDRYWSITRPMEYTLRTRKCVSNVMIALTWALSAVISLAPLLFGWGETYSEGSEE
CQVSREPSYAVFSTVGAFYLPLCVVLFVYWKIYKAAKFRVGSRKTNSVSPISEAVEVKDSAKQPQMVFTVRHATVTFQPE
GDTWREQKEQRAALMVGILIGVFVLCWIPFFLTELISPLCSCDIPAIWKSIFLWLGYSNSFFNPLIYTAFNKNYNSAFKN
FFSRQH
;
A
2 'polypeptide(L)'
;TLSAEDKAAVERSKMIEKNLKEDGISAAKDVKLLLLGADNSGKSTIVKQMKIIHGGSGGSGGTTGIVETHFTFKNLHFRL
FDVGGQRSERKKWIHCFEDVTAIIFCVDLSDYNRMHESLMLFDSICNNKFFIDTSIILFLNKKDLFGEKIKKSPLTICFP
EYTGPNTYEDAAAYIQAQFESKNRSPNKEIYCHMTCATDTNNAQVIFDAVTDIIIANNLRGCGLY
;
B
3 'polypeptide(L)'
;SELDQLRQEAEQLKNQIRDARKACADATLSQITNNIDPVGRIQMRTRRTLRGHLAKIYAMHWGTDSRLLVSASQDGKLII
WDSYTTNKVHAIPLRSSWVMTCAYAPSGNYVACGGLDNICSIYNLKTREGNVRVSRELAGHTGYLSCCRFLDDNQIVTSS
GDTTCALWDIETGQQTTTFTGHTGDVMSLSLAPDTRLFVSGACDASAKLWDVREGMCRQTFTGHESDINAICFFPNGNAF
ATGSDDATCRLFDLRADQELMTYSHDNIICGITSVSFSKSGRLLLAGYDDFNCNVWDALKADRAGVLAGHDNRVSCLGVT
DDGMAVATGSWDSFLKIWN
;
C
4 'polypeptide(L)' MASNNTASIAQARKLVEQLKMEANIDRIKVSKAAADLMAYCEAHAKEDPLLTPVPASENPFREKKFFCAIL D
5 'polypeptide(L)'
;DVQLVESGGGLVQPGGSRKLSCSASGFAFSSFGMHWVRQAPEKGLEWVAYISSGSGTIYYADTVKGRFTISRDDPKNTLF
LQMTSLRSEDTAMYYCVRSIYYYGSSPFDFWGQGTTLTVSSGGGGSGGGGSGGGGSDIVMTQATSSVPVTPGESVSISCR
SSKSLLHSNGNTYLYWFLQRPGQSPQLLIYRMSNLASGVPDRFSGSGSGTAFTLTISRLEAEDVGVYYCMQHLEYPLTFG
AGTKLELKAAA
;
E
#
# COMPACT_ATOMS: atom_id res chain seq x y z
N GLY A 9 -49.73 -25.49 -25.87
CA GLY A 9 -48.55 -26.25 -26.18
C GLY A 9 -47.48 -25.46 -26.90
N VAL A 10 -47.91 -24.46 -27.67
CA VAL A 10 -46.96 -23.63 -28.41
C VAL A 10 -46.11 -22.80 -27.46
N LEU A 11 -46.73 -22.22 -26.42
CA LEU A 11 -46.00 -21.40 -25.48
C LEU A 11 -45.01 -22.21 -24.65
N ILE A 12 -45.20 -23.53 -24.54
CA ILE A 12 -44.27 -24.37 -23.80
C ILE A 12 -42.88 -24.31 -24.43
N LEU A 13 -42.81 -24.25 -25.76
CA LEU A 13 -41.53 -24.13 -26.43
C LEU A 13 -40.84 -22.83 -26.06
N THR A 14 -41.59 -21.74 -25.97
CA THR A 14 -41.00 -20.47 -25.57
C THR A 14 -40.63 -20.46 -24.09
N LEU A 15 -41.46 -21.07 -23.24
CA LEU A 15 -41.21 -21.05 -21.80
C LEU A 15 -39.91 -21.77 -21.45
N LEU A 16 -39.69 -22.94 -22.04
CA LEU A 16 -38.44 -23.66 -21.81
C LEU A 16 -37.26 -22.89 -22.39
N GLY A 17 -37.43 -22.26 -23.55
CA GLY A 17 -36.39 -21.42 -24.10
C GLY A 17 -36.06 -20.23 -23.22
N PHE A 18 -37.08 -19.68 -22.54
CA PHE A 18 -36.83 -18.59 -21.60
C PHE A 18 -35.95 -19.05 -20.44
N LEU A 19 -36.21 -20.24 -19.91
CA LEU A 19 -35.38 -20.78 -18.84
C LEU A 19 -33.97 -21.07 -19.36
N VAL A 20 -33.85 -21.57 -20.58
CA VAL A 20 -32.54 -21.90 -21.12
C VAL A 20 -31.70 -20.64 -21.31
N ALA A 21 -32.30 -19.60 -21.87
CA ALA A 21 -31.54 -18.39 -22.16
C ALA A 21 -31.18 -17.64 -20.88
N ALA A 22 -32.12 -17.53 -19.94
CA ALA A 22 -31.87 -16.74 -18.74
C ALA A 22 -30.76 -17.35 -17.89
N THR A 23 -30.74 -18.67 -17.76
CA THR A 23 -29.74 -19.33 -16.92
C THR A 23 -28.33 -19.09 -17.45
N PHE A 24 -28.15 -19.16 -18.76
CA PHE A 24 -26.82 -18.98 -19.34
C PHE A 24 -26.29 -17.57 -19.08
N ALA A 25 -27.14 -16.56 -19.24
CA ALA A 25 -26.68 -15.19 -19.07
C ALA A 25 -26.48 -14.84 -17.60
N TRP A 26 -27.35 -15.33 -16.72
CA TRP A 26 -27.29 -14.95 -15.31
C TRP A 26 -25.99 -15.39 -14.67
N ASN A 27 -25.57 -16.63 -14.92
CA ASN A 27 -24.35 -17.13 -14.30
C ASN A 27 -23.11 -16.55 -14.95
N LEU A 28 -23.18 -16.21 -16.25
CA LEU A 28 -22.05 -15.57 -16.91
C LEU A 28 -21.79 -14.20 -16.32
N LEU A 29 -22.85 -13.47 -15.96
CA LEU A 29 -22.68 -12.18 -15.30
C LEU A 29 -21.99 -12.33 -13.96
N VAL A 30 -22.29 -13.41 -13.24
CA VAL A 30 -21.65 -13.66 -11.95
C VAL A 30 -20.14 -13.84 -12.13
N LEU A 31 -19.74 -14.62 -13.14
CA LEU A 31 -18.32 -14.84 -13.39
C LEU A 31 -17.61 -13.55 -13.75
N ALA A 32 -18.26 -12.69 -14.53
CA ALA A 32 -17.64 -11.42 -14.92
C ALA A 32 -17.38 -10.54 -13.71
N THR A 33 -18.35 -10.47 -12.78
CA THR A 33 -18.20 -9.60 -11.62
C THR A 33 -17.03 -10.05 -10.74
N ILE A 34 -16.89 -11.36 -10.53
CA ILE A 34 -15.81 -11.86 -9.70
C ILE A 34 -14.46 -11.57 -10.33
N LEU A 35 -14.33 -11.81 -11.63
CA LEU A 35 -13.04 -11.61 -12.30
C LEU A 35 -12.70 -10.13 -12.42
N ARG A 36 -13.69 -9.29 -12.73
CA ARG A 36 -13.42 -7.87 -12.99
C ARG A 36 -13.26 -7.07 -11.70
N VAL A 37 -14.29 -7.06 -10.86
CA VAL A 37 -14.28 -6.22 -9.66
C VAL A 37 -13.22 -6.74 -8.69
N ARG A 38 -12.41 -5.82 -8.17
CA ARG A 38 -11.28 -6.18 -7.33
C ARG A 38 -11.68 -6.46 -5.88
N THR A 39 -12.89 -6.15 -5.48
CA THR A 39 -13.34 -6.40 -4.11
C THR A 39 -13.85 -7.83 -3.91
N PHE A 40 -13.88 -8.64 -4.98
CA PHE A 40 -14.38 -10.00 -4.92
C PHE A 40 -13.28 -11.01 -5.22
N HIS A 41 -12.10 -10.77 -4.66
CA HIS A 41 -10.96 -11.67 -4.80
C HIS A 41 -10.58 -12.26 -3.44
N ARG A 42 -11.59 -12.64 -2.66
CA ARG A 42 -11.40 -13.14 -1.31
C ARG A 42 -11.68 -14.64 -1.26
N VAL A 43 -11.33 -15.24 -0.13
CA VAL A 43 -11.48 -16.69 0.04
C VAL A 43 -12.94 -17.14 -0.08
N PRO A 44 -13.93 -16.46 0.54
CA PRO A 44 -15.30 -16.99 0.49
C PRO A 44 -15.97 -16.86 -0.87
N HIS A 45 -15.22 -16.49 -1.91
CA HIS A 45 -15.81 -16.23 -3.22
C HIS A 45 -15.37 -17.17 -4.33
N ASN A 46 -14.31 -17.97 -4.11
CA ASN A 46 -13.89 -18.88 -5.18
C ASN A 46 -14.91 -20.00 -5.36
N LEU A 47 -15.57 -20.41 -4.28
CA LEU A 47 -16.53 -21.50 -4.36
C LEU A 47 -17.77 -21.10 -5.15
N VAL A 48 -18.23 -19.86 -4.99
CA VAL A 48 -19.43 -19.44 -5.71
C VAL A 48 -19.13 -19.30 -7.20
N ALA A 49 -17.88 -19.00 -7.56
CA ALA A 49 -17.49 -18.98 -8.96
C ALA A 49 -17.61 -20.37 -9.58
N SER A 50 -17.15 -21.40 -8.85
CA SER A 50 -17.19 -22.75 -9.38
C SER A 50 -18.60 -23.25 -9.59
N MET A 51 -19.56 -22.76 -8.79
CA MET A 51 -20.95 -23.14 -8.99
C MET A 51 -21.52 -22.51 -10.25
N ALA A 52 -21.12 -21.27 -10.55
CA ALA A 52 -21.60 -20.61 -11.75
C ALA A 52 -21.11 -21.32 -13.01
N VAL A 53 -19.87 -21.79 -13.02
CA VAL A 53 -19.33 -22.48 -14.19
C VAL A 53 -20.12 -23.74 -14.49
N SER A 54 -20.46 -24.51 -13.45
CA SER A 54 -21.27 -25.70 -13.65
C SER A 54 -22.65 -25.34 -14.18
N ASP A 55 -23.22 -24.25 -13.74
CA ASP A 55 -24.58 -23.94 -14.24
C ASP A 55 -24.47 -23.44 -15.68
N VAL A 56 -23.40 -22.70 -16.02
CA VAL A 56 -23.27 -22.27 -17.41
C VAL A 56 -23.20 -23.48 -18.33
N LEU A 57 -22.40 -24.47 -17.96
CA LEU A 57 -22.19 -25.63 -18.82
C LEU A 57 -23.46 -26.43 -19.02
N VAL A 58 -24.35 -26.44 -18.04
CA VAL A 58 -25.63 -27.14 -18.21
C VAL A 58 -26.51 -26.42 -19.21
N ALA A 59 -26.60 -25.09 -19.11
CA ALA A 59 -27.47 -24.35 -20.00
C ALA A 59 -26.90 -24.28 -21.42
N ALA A 60 -25.58 -24.34 -21.56
CA ALA A 60 -24.97 -24.15 -22.87
C ALA A 60 -25.37 -25.25 -23.85
N LEU A 61 -25.17 -26.51 -23.45
CA LEU A 61 -25.35 -27.61 -24.40
C LEU A 61 -26.20 -28.74 -23.84
N VAL A 62 -26.23 -28.89 -22.51
CA VAL A 62 -26.98 -29.99 -21.92
C VAL A 62 -28.49 -29.79 -22.14
N MET A 63 -28.98 -28.58 -21.83
CA MET A 63 -30.42 -28.33 -22.00
C MET A 63 -30.88 -28.36 -23.45
N PRO A 64 -30.22 -27.66 -24.39
CA PRO A 64 -30.79 -27.60 -25.76
C PRO A 64 -30.95 -28.96 -26.43
N LEU A 65 -30.01 -29.88 -26.22
CA LEU A 65 -30.17 -31.22 -26.78
C LEU A 65 -31.29 -31.99 -26.09
N SER A 66 -31.56 -31.70 -24.82
CA SER A 66 -32.69 -32.32 -24.15
C SER A 66 -34.01 -31.89 -24.79
N LEU A 67 -34.11 -30.62 -25.18
CA LEU A 67 -35.31 -30.16 -25.88
C LEU A 67 -35.51 -30.88 -27.20
N VAL A 68 -34.44 -31.03 -27.99
CA VAL A 68 -34.53 -31.68 -29.29
C VAL A 68 -35.03 -33.10 -29.14
N HIS A 69 -34.52 -33.83 -28.14
CA HIS A 69 -35.01 -35.17 -27.87
C HIS A 69 -36.49 -35.15 -27.51
N GLU A 70 -36.91 -34.20 -26.67
CA GLU A 70 -38.31 -34.08 -26.33
C GLU A 70 -39.14 -33.60 -27.51
N LEU A 71 -38.59 -32.69 -28.30
CA LEU A 71 -39.29 -32.20 -29.48
C LEU A 71 -39.47 -33.30 -30.52
N SER A 72 -38.45 -34.14 -30.70
CA SER A 72 -38.51 -35.21 -31.69
C SER A 72 -39.27 -36.40 -31.13
N GLY A 73 -40.50 -36.17 -30.64
CA GLY A 73 -41.30 -37.23 -30.07
C GLY A 73 -40.63 -37.91 -28.90
N ARG A 74 -40.25 -39.17 -29.09
CA ARG A 74 -39.52 -39.92 -28.07
C ARG A 74 -38.28 -40.56 -28.68
N ARG A 75 -38.33 -40.83 -29.98
CA ARG A 75 -37.21 -41.44 -30.66
C ARG A 75 -36.06 -40.44 -30.83
N TRP A 76 -34.88 -40.96 -31.14
CA TRP A 76 -33.69 -40.14 -31.26
C TRP A 76 -33.61 -39.48 -32.63
N GLN A 77 -33.59 -40.30 -33.69
CA GLN A 77 -33.51 -39.84 -35.08
C GLN A 77 -32.23 -39.07 -35.39
N LEU A 78 -31.24 -39.17 -34.52
CA LEU A 78 -29.92 -38.59 -34.74
C LEU A 78 -28.87 -39.69 -34.70
N GLY A 79 -27.62 -39.31 -34.99
CA GLY A 79 -26.54 -40.26 -35.10
C GLY A 79 -25.87 -40.56 -33.77
N ARG A 80 -25.32 -41.77 -33.68
CA ARG A 80 -24.58 -42.17 -32.48
C ARG A 80 -23.24 -41.45 -32.44
N ARG A 81 -22.46 -41.73 -31.40
CA ARG A 81 -21.21 -41.06 -31.06
C ARG A 81 -21.42 -39.60 -30.70
N LEU A 82 -22.66 -39.11 -30.74
CA LEU A 82 -23.01 -37.77 -30.29
C LEU A 82 -23.79 -37.77 -28.99
N CYS A 83 -24.73 -38.71 -28.82
CA CYS A 83 -25.39 -38.85 -27.53
C CYS A 83 -24.45 -39.38 -26.47
N GLN A 84 -23.36 -40.04 -26.88
CA GLN A 84 -22.32 -40.40 -25.92
C GLN A 84 -21.68 -39.16 -25.31
N LEU A 85 -21.48 -38.12 -26.11
CA LEU A 85 -21.07 -36.82 -25.59
C LEU A 85 -22.21 -36.09 -24.89
N TRP A 86 -23.43 -36.59 -24.99
CA TRP A 86 -24.59 -35.99 -24.34
C TRP A 86 -24.92 -36.65 -23.01
N ILE A 87 -24.78 -37.98 -22.92
CA ILE A 87 -25.00 -38.66 -21.65
C ILE A 87 -23.89 -38.33 -20.67
N ALA A 88 -22.65 -38.28 -21.15
CA ALA A 88 -21.52 -37.98 -20.28
C ALA A 88 -21.52 -36.53 -19.81
N CYS A 89 -22.20 -35.64 -20.51
CA CYS A 89 -22.29 -34.24 -20.12
C CYS A 89 -23.49 -33.93 -19.25
N ASP A 90 -24.39 -34.90 -19.05
CA ASP A 90 -25.49 -34.73 -18.10
C ASP A 90 -25.16 -35.25 -16.72
N VAL A 91 -24.15 -36.12 -16.60
CA VAL A 91 -23.77 -36.66 -15.31
C VAL A 91 -22.63 -35.85 -14.69
N LEU A 92 -21.70 -35.36 -15.51
CA LEU A 92 -20.61 -34.54 -14.99
C LEU A 92 -21.10 -33.14 -14.62
N CYS A 93 -21.95 -32.55 -15.45
CA CYS A 93 -22.35 -31.16 -15.27
C CYS A 93 -23.46 -30.99 -14.24
N CYS A 94 -24.16 -32.07 -13.88
CA CYS A 94 -25.19 -32.01 -12.84
C CYS A 94 -24.67 -32.40 -11.47
N THR A 95 -23.76 -33.37 -11.40
CA THR A 95 -23.16 -33.74 -10.11
C THR A 95 -22.34 -32.60 -9.53
N ALA A 96 -21.69 -31.79 -10.39
CA ALA A 96 -20.89 -30.68 -9.91
C ALA A 96 -21.73 -29.67 -9.15
N SER A 97 -22.93 -29.37 -9.65
CA SER A 97 -23.81 -28.44 -8.95
C SER A 97 -24.21 -28.98 -7.58
N ILE A 98 -24.50 -30.28 -7.49
CA ILE A 98 -24.88 -30.88 -6.22
C ILE A 98 -23.73 -30.78 -5.21
N TRP A 99 -22.51 -31.10 -5.65
CA TRP A 99 -21.37 -31.12 -4.74
C TRP A 99 -20.80 -29.74 -4.47
N ASN A 100 -21.12 -28.74 -5.29
CA ASN A 100 -20.73 -27.37 -4.98
C ASN A 100 -21.62 -26.77 -3.91
N VAL A 101 -22.89 -27.16 -3.84
CA VAL A 101 -23.76 -26.74 -2.75
C VAL A 101 -23.24 -27.28 -1.43
N THR A 102 -22.78 -28.52 -1.42
CA THR A 102 -22.22 -29.11 -0.22
C THR A 102 -20.96 -28.38 0.23
N ALA A 103 -20.11 -27.99 -0.72
CA ALA A 103 -18.89 -27.29 -0.38
C ALA A 103 -19.17 -25.95 0.30
N ILE A 104 -20.23 -25.26 -0.13
CA ILE A 104 -20.63 -24.02 0.52
C ILE A 104 -21.05 -24.29 1.96
N ALA A 105 -21.84 -25.34 2.18
CA ALA A 105 -22.35 -25.63 3.52
C ALA A 105 -21.23 -25.98 4.49
N LEU A 106 -20.25 -26.77 4.04
CA LEU A 106 -19.16 -27.15 4.92
C LEU A 106 -18.30 -25.95 5.31
N ASP A 107 -18.05 -25.05 4.36
CA ASP A 107 -17.27 -23.86 4.66
C ASP A 107 -17.98 -23.00 5.71
N ARG A 108 -19.29 -22.80 5.54
CA ARG A 108 -20.05 -22.00 6.50
C ARG A 108 -20.09 -22.66 7.87
N TYR A 109 -20.10 -24.00 7.91
CA TYR A 109 -20.16 -24.71 9.18
C TYR A 109 -18.92 -24.42 10.03
N TRP A 110 -17.74 -24.49 9.42
CA TRP A 110 -16.50 -24.33 10.16
C TRP A 110 -16.20 -22.88 10.50
N SER A 111 -16.84 -21.93 9.83
CA SER A 111 -16.70 -20.52 10.17
C SER A 111 -17.50 -20.14 11.41
N ILE A 112 -18.43 -20.97 11.84
CA ILE A 112 -19.26 -20.69 13.00
C ILE A 112 -18.81 -21.48 14.22
N THR A 113 -18.36 -22.72 14.02
CA THR A 113 -17.96 -23.58 15.12
C THR A 113 -16.50 -23.41 15.51
N ARG A 114 -15.63 -23.03 14.57
CA ARG A 114 -14.20 -22.84 14.84
C ARG A 114 -13.75 -21.52 14.22
N PRO A 115 -14.03 -20.40 14.88
CA PRO A 115 -13.75 -19.09 14.27
C PRO A 115 -12.30 -18.65 14.38
N MET A 116 -11.61 -19.05 15.44
CA MET A 116 -10.21 -18.67 15.64
C MET A 116 -9.21 -19.63 15.00
N GLU A 117 -9.66 -20.74 14.44
CA GLU A 117 -8.76 -21.70 13.84
C GLU A 117 -8.95 -21.87 12.34
N TYR A 118 -10.15 -21.62 11.82
CA TYR A 118 -10.46 -21.80 10.41
C TYR A 118 -10.42 -20.43 9.73
N THR A 119 -9.22 -19.92 9.50
CA THR A 119 -9.05 -18.60 8.91
C THR A 119 -7.65 -18.46 8.35
N LEU A 120 -7.49 -17.46 7.48
CA LEU A 120 -6.21 -17.12 6.82
C LEU A 120 -5.79 -18.30 5.95
N ARG A 121 -4.56 -18.81 6.08
CA ARG A 121 -4.04 -19.80 5.14
C ARG A 121 -4.78 -21.13 5.22
N THR A 122 -5.20 -21.53 6.43
CA THR A 122 -5.92 -22.79 6.56
C THR A 122 -7.23 -22.78 5.79
N ARG A 123 -7.94 -21.65 5.83
CA ARG A 123 -9.19 -21.54 5.08
C ARG A 123 -8.94 -21.55 3.58
N LYS A 124 -7.87 -20.89 3.12
CA LYS A 124 -7.56 -20.88 1.70
C LYS A 124 -7.14 -22.27 1.21
N CYS A 125 -6.40 -23.01 2.05
CA CYS A 125 -5.95 -24.33 1.64
C CYS A 125 -7.10 -25.32 1.55
N VAL A 126 -7.96 -25.37 2.58
CA VAL A 126 -9.03 -26.35 2.61
C VAL A 126 -10.07 -26.05 1.54
N SER A 127 -10.34 -24.77 1.29
CA SER A 127 -11.31 -24.40 0.27
C SER A 127 -10.89 -24.88 -1.10
N ASN A 128 -9.60 -24.78 -1.42
CA ASN A 128 -9.10 -25.23 -2.72
C ASN A 128 -9.05 -26.75 -2.82
N VAL A 129 -8.92 -27.46 -1.70
CA VAL A 129 -8.99 -28.91 -1.75
C VAL A 129 -10.39 -29.37 -2.14
N MET A 130 -11.43 -28.74 -1.59
CA MET A 130 -12.79 -29.13 -1.92
C MET A 130 -13.12 -28.85 -3.39
N ILE A 131 -12.65 -27.72 -3.91
CA ILE A 131 -12.96 -27.35 -5.30
C ILE A 131 -12.32 -28.28 -6.30
N ALA A 132 -11.36 -29.11 -5.89
CA ALA A 132 -10.75 -30.09 -6.77
C ALA A 132 -11.46 -31.43 -6.70
N LEU A 133 -11.70 -31.94 -5.49
CA LEU A 133 -12.37 -33.23 -5.34
C LEU A 133 -13.82 -33.20 -5.83
N THR A 134 -14.41 -32.01 -5.98
CA THR A 134 -15.77 -31.92 -6.50
C THR A 134 -15.82 -32.18 -7.99
N TRP A 135 -14.72 -31.93 -8.71
CA TRP A 135 -14.69 -32.13 -10.15
C TRP A 135 -14.14 -33.50 -10.53
N ALA A 136 -13.15 -34.00 -9.79
CA ALA A 136 -12.62 -35.33 -10.05
C ALA A 136 -13.65 -36.41 -9.79
N LEU A 137 -14.45 -36.25 -8.74
CA LEU A 137 -15.46 -37.26 -8.41
C LEU A 137 -16.52 -37.36 -9.49
N SER A 138 -16.95 -36.22 -10.03
CA SER A 138 -17.97 -36.25 -11.08
C SER A 138 -17.44 -36.87 -12.36
N ALA A 139 -16.13 -36.74 -12.62
CA ALA A 139 -15.55 -37.39 -13.79
C ALA A 139 -15.55 -38.91 -13.64
N VAL A 140 -15.23 -39.40 -12.44
CA VAL A 140 -15.22 -40.84 -12.20
C VAL A 140 -16.62 -41.42 -12.38
N ILE A 141 -17.63 -40.74 -11.85
CA ILE A 141 -18.99 -41.27 -11.90
C ILE A 141 -19.59 -41.18 -13.29
N SER A 142 -18.97 -40.43 -14.19
CA SER A 142 -19.51 -40.25 -15.53
C SER A 142 -18.90 -41.20 -16.55
N LEU A 143 -17.58 -41.38 -16.50
CA LEU A 143 -16.87 -42.19 -17.49
C LEU A 143 -16.71 -43.65 -17.06
N ALA A 144 -17.12 -44.00 -15.85
CA ALA A 144 -17.04 -45.40 -15.41
C ALA A 144 -17.86 -46.34 -16.28
N PRO A 145 -19.11 -46.04 -16.65
CA PRO A 145 -19.84 -46.97 -17.53
C PRO A 145 -19.34 -47.00 -18.95
N LEU A 146 -18.29 -46.26 -19.29
CA LEU A 146 -17.72 -46.27 -20.63
C LEU A 146 -16.31 -46.83 -20.67
N LEU A 147 -15.41 -46.32 -19.82
CA LEU A 147 -14.03 -46.79 -19.80
C LEU A 147 -13.88 -48.16 -19.16
N PHE A 148 -14.75 -48.51 -18.22
CA PHE A 148 -14.64 -49.78 -17.50
C PHE A 148 -15.58 -50.86 -18.03
N GLY A 149 -16.72 -50.48 -18.60
CA GLY A 149 -17.68 -51.44 -19.09
C GLY A 149 -17.47 -51.79 -20.56
N GLU A 159 -30.18 -47.35 -30.89
CA GLU A 159 -31.27 -46.41 -31.15
C GLU A 159 -31.34 -45.35 -30.05
N GLU A 160 -32.36 -45.47 -29.19
CA GLU A 160 -32.52 -44.51 -28.10
C GLU A 160 -31.33 -44.59 -27.14
N CYS A 161 -30.82 -43.44 -26.75
CA CYS A 161 -29.61 -43.35 -25.94
C CYS A 161 -30.00 -43.20 -24.47
N GLN A 162 -30.02 -44.32 -23.76
CA GLN A 162 -30.25 -44.34 -22.32
C GLN A 162 -28.92 -44.38 -21.59
N VAL A 163 -28.98 -44.23 -20.26
CA VAL A 163 -27.75 -44.15 -19.49
C VAL A 163 -27.31 -45.54 -19.08
N SER A 164 -28.10 -46.21 -18.23
CA SER A 164 -27.79 -47.57 -17.81
C SER A 164 -28.97 -48.16 -17.04
N ARG A 165 -29.39 -49.37 -17.40
CA ARG A 165 -30.41 -50.08 -16.66
C ARG A 165 -29.83 -51.19 -15.78
N GLU A 166 -28.51 -51.27 -15.69
CA GLU A 166 -27.87 -52.31 -14.89
C GLU A 166 -28.04 -52.01 -13.40
N PRO A 167 -28.60 -52.93 -12.62
CA PRO A 167 -28.75 -52.66 -11.18
C PRO A 167 -27.45 -52.43 -10.45
N SER A 168 -26.33 -52.94 -10.97
CA SER A 168 -25.03 -52.70 -10.34
C SER A 168 -24.58 -51.25 -10.46
N TYR A 169 -25.27 -50.45 -11.28
CA TYR A 169 -24.90 -49.06 -11.50
C TYR A 169 -25.89 -48.06 -10.92
N ALA A 170 -27.15 -48.45 -10.74
CA ALA A 170 -28.15 -47.53 -10.19
C ALA A 170 -28.07 -47.39 -8.68
N VAL A 171 -27.30 -48.23 -8.00
CA VAL A 171 -27.12 -48.13 -6.56
C VAL A 171 -25.74 -47.60 -6.20
N PHE A 172 -24.90 -47.30 -7.18
CA PHE A 172 -23.59 -46.70 -6.97
C PHE A 172 -23.54 -45.24 -7.36
N SER A 173 -24.22 -44.85 -8.43
CA SER A 173 -24.23 -43.45 -8.84
C SER A 173 -25.25 -42.64 -8.05
N THR A 174 -26.44 -43.21 -7.84
CA THR A 174 -27.50 -42.47 -7.15
C THR A 174 -27.11 -42.18 -5.70
N VAL A 175 -26.55 -43.18 -5.00
CA VAL A 175 -26.15 -42.98 -3.62
C VAL A 175 -24.94 -42.07 -3.54
N GLY A 176 -23.99 -42.23 -4.46
CA GLY A 176 -22.73 -41.51 -4.42
C GLY A 176 -22.77 -40.11 -5.01
N ALA A 177 -23.93 -39.65 -5.47
CA ALA A 177 -24.04 -38.31 -6.05
C ALA A 177 -25.10 -37.45 -5.39
N PHE A 178 -26.19 -38.04 -4.89
CA PHE A 178 -27.24 -37.25 -4.29
C PHE A 178 -27.58 -37.65 -2.86
N TYR A 179 -27.61 -38.94 -2.55
CA TYR A 179 -28.06 -39.36 -1.22
C TYR A 179 -27.01 -39.05 -0.16
N LEU A 180 -25.75 -39.35 -0.43
CA LEU A 180 -24.69 -38.98 0.51
C LEU A 180 -24.57 -37.47 0.72
N PRO A 181 -24.56 -36.63 -0.33
CA PRO A 181 -24.54 -35.18 -0.08
C PRO A 181 -25.76 -34.68 0.67
N LEU A 182 -26.93 -35.31 0.50
CA LEU A 182 -28.12 -34.84 1.18
C LEU A 182 -28.00 -34.97 2.69
N CYS A 183 -27.41 -36.08 3.15
CA CYS A 183 -27.23 -36.27 4.59
C CYS A 183 -26.34 -35.20 5.19
N VAL A 184 -25.25 -34.84 4.49
CA VAL A 184 -24.32 -33.84 5.00
C VAL A 184 -24.99 -32.48 5.09
N VAL A 185 -25.74 -32.09 4.05
CA VAL A 185 -26.35 -30.76 4.02
C VAL A 185 -27.38 -30.61 5.14
N LEU A 186 -28.18 -31.64 5.38
CA LEU A 186 -29.19 -31.56 6.43
C LEU A 186 -28.56 -31.45 7.81
N PHE A 187 -27.49 -32.20 8.06
CA PHE A 187 -26.86 -32.19 9.38
C PHE A 187 -26.22 -30.83 9.67
N VAL A 188 -25.57 -30.22 8.67
CA VAL A 188 -24.87 -28.96 8.90
C VAL A 188 -25.85 -27.85 9.26
N TYR A 189 -26.92 -27.69 8.46
CA TYR A 189 -27.80 -26.55 8.67
C TYR A 189 -28.64 -26.68 9.95
N TRP A 190 -28.80 -27.90 10.46
CA TRP A 190 -29.42 -28.06 11.78
C TRP A 190 -28.55 -27.46 12.87
N LYS A 191 -27.24 -27.65 12.78
CA LYS A 191 -26.34 -27.09 13.78
C LYS A 191 -26.28 -25.57 13.71
N ILE A 192 -26.32 -25.01 12.50
CA ILE A 192 -26.28 -23.56 12.34
C ILE A 192 -27.52 -22.92 12.94
N TYR A 193 -28.69 -23.53 12.73
CA TYR A 193 -29.93 -22.97 13.29
C TYR A 193 -29.90 -22.96 14.81
N LYS A 194 -29.40 -24.05 15.41
CA LYS A 194 -29.29 -24.09 16.87
C LYS A 194 -28.31 -23.04 17.39
N ALA A 195 -27.18 -22.88 16.70
CA ALA A 195 -26.19 -21.90 17.12
C ALA A 195 -26.73 -20.48 17.02
N ALA A 196 -27.46 -20.16 15.94
CA ALA A 196 -28.00 -18.83 15.78
C ALA A 196 -29.04 -18.51 16.86
N LYS A 197 -29.92 -19.47 17.17
CA LYS A 197 -30.94 -19.24 18.18
C LYS A 197 -30.33 -19.07 19.56
N PHE A 198 -29.34 -19.90 19.90
CA PHE A 198 -28.72 -19.82 21.23
C PHE A 198 -28.02 -18.48 21.44
N ARG A 199 -27.35 -17.98 20.41
CA ARG A 199 -26.64 -16.71 20.51
C ARG A 199 -27.58 -15.55 20.24
N VAL A 200 -28.69 -15.49 20.97
CA VAL A 200 -29.70 -14.44 20.83
C VAL A 200 -30.17 -14.33 19.39
N TRP A 244 -37.00 -6.44 17.14
CA TRP A 244 -35.64 -6.77 17.53
C TRP A 244 -35.43 -8.28 17.58
N ARG A 245 -35.70 -8.88 18.73
CA ARG A 245 -35.52 -10.31 18.89
C ARG A 245 -36.49 -11.09 17.99
N GLU A 246 -37.75 -10.65 17.91
CA GLU A 246 -38.72 -11.35 17.08
C GLU A 246 -38.39 -11.21 15.61
N GLN A 247 -37.96 -10.03 15.17
CA GLN A 247 -37.63 -9.83 13.76
C GLN A 247 -36.42 -10.65 13.35
N LYS A 248 -35.40 -10.72 14.20
CA LYS A 248 -34.19 -11.47 13.85
C LYS A 248 -34.46 -12.97 13.82
N GLU A 249 -35.24 -13.48 14.77
CA GLU A 249 -35.51 -14.91 14.83
C GLU A 249 -36.31 -15.37 13.61
N GLN A 250 -37.28 -14.56 13.17
CA GLN A 250 -38.08 -14.94 12.02
C GLN A 250 -37.24 -15.02 10.76
N ARG A 251 -36.30 -14.09 10.57
CA ARG A 251 -35.46 -14.11 9.37
C ARG A 251 -34.49 -15.27 9.38
N ALA A 252 -34.00 -15.67 10.56
CA ALA A 252 -33.01 -16.74 10.62
C ALA A 252 -33.60 -18.06 10.13
N ALA A 253 -34.82 -18.39 10.54
CA ALA A 253 -35.44 -19.64 10.14
C ALA A 253 -35.91 -19.60 8.69
N LEU A 254 -36.35 -18.44 8.21
CA LEU A 254 -36.84 -18.34 6.83
C LEU A 254 -35.73 -18.62 5.82
N MET A 255 -34.53 -18.11 6.07
CA MET A 255 -33.44 -18.27 5.10
C MET A 255 -33.08 -19.75 4.93
N VAL A 256 -33.01 -20.49 6.02
CA VAL A 256 -32.64 -21.91 5.92
C VAL A 256 -33.75 -22.70 5.22
N GLY A 257 -35.01 -22.32 5.45
CA GLY A 257 -36.10 -23.03 4.80
C GLY A 257 -36.06 -22.90 3.29
N ILE A 258 -35.63 -21.75 2.79
CA ILE A 258 -35.48 -21.57 1.35
C ILE A 258 -34.38 -22.48 0.81
N LEU A 259 -33.27 -22.60 1.53
CA LEU A 259 -32.14 -23.38 1.04
C LEU A 259 -32.47 -24.86 0.92
N ILE A 260 -33.01 -25.45 1.99
CA ILE A 260 -33.30 -26.87 1.99
C ILE A 260 -34.49 -27.18 1.09
N GLY A 261 -35.51 -26.31 1.09
CA GLY A 261 -36.72 -26.60 0.35
C GLY A 261 -36.48 -26.69 -1.15
N VAL A 262 -35.71 -25.74 -1.69
CA VAL A 262 -35.40 -25.76 -3.13
C VAL A 262 -34.57 -26.99 -3.47
N PHE A 263 -33.57 -27.30 -2.64
CA PHE A 263 -32.64 -28.38 -2.97
C PHE A 263 -33.31 -29.75 -2.94
N VAL A 264 -34.39 -29.91 -2.18
CA VAL A 264 -35.02 -31.21 -2.03
C VAL A 264 -36.01 -31.45 -3.16
N LEU A 265 -37.03 -30.59 -3.27
CA LEU A 265 -38.10 -30.84 -4.22
C LEU A 265 -37.64 -30.78 -5.66
N CYS A 266 -36.48 -30.17 -5.94
CA CYS A 266 -35.98 -30.13 -7.30
C CYS A 266 -35.26 -31.40 -7.72
N TRP A 267 -34.88 -32.27 -6.78
CA TRP A 267 -34.13 -33.46 -7.14
C TRP A 267 -34.72 -34.75 -6.60
N ILE A 268 -35.44 -34.67 -5.48
CA ILE A 268 -35.90 -35.88 -4.80
C ILE A 268 -36.98 -36.62 -5.59
N PRO A 269 -37.83 -35.98 -6.41
CA PRO A 269 -38.79 -36.80 -7.17
C PRO A 269 -38.15 -37.66 -8.25
N PHE A 270 -37.17 -37.11 -8.98
CA PHE A 270 -36.54 -37.89 -10.04
C PHE A 270 -35.63 -38.97 -9.49
N PHE A 271 -34.90 -38.68 -8.41
CA PHE A 271 -33.91 -39.62 -7.90
C PHE A 271 -34.52 -40.80 -7.16
N LEU A 272 -35.78 -40.68 -6.72
CA LEU A 272 -36.45 -41.84 -6.13
C LEU A 272 -36.78 -42.88 -7.20
N THR A 273 -37.28 -42.44 -8.35
CA THR A 273 -37.62 -43.36 -9.42
C THR A 273 -36.38 -44.05 -9.99
N GLU A 274 -35.26 -43.32 -10.06
CA GLU A 274 -34.03 -43.89 -10.59
C GLU A 274 -33.51 -45.04 -9.73
N LEU A 275 -34.02 -45.19 -8.50
CA LEU A 275 -33.61 -46.27 -7.62
C LEU A 275 -34.65 -47.38 -7.52
N ILE A 276 -35.94 -47.03 -7.53
CA ILE A 276 -36.98 -48.04 -7.42
C ILE A 276 -37.07 -48.88 -8.69
N SER A 277 -37.03 -48.23 -9.85
CA SER A 277 -37.24 -48.94 -11.12
C SER A 277 -36.18 -50.01 -11.39
N PRO A 278 -34.88 -49.75 -11.26
CA PRO A 278 -33.90 -50.83 -11.48
C PRO A 278 -33.94 -51.94 -10.45
N LEU A 279 -34.52 -51.70 -9.27
CA LEU A 279 -34.65 -52.73 -8.25
C LEU A 279 -36.01 -53.41 -8.27
N CYS A 280 -37.08 -52.64 -8.18
CA CYS A 280 -38.43 -53.19 -8.30
C CYS A 280 -38.73 -53.48 -9.77
N SER A 281 -39.97 -53.87 -10.06
CA SER A 281 -40.39 -54.20 -11.42
C SER A 281 -41.62 -53.35 -11.76
N CYS A 282 -41.37 -52.13 -12.25
CA CYS A 282 -42.45 -51.22 -12.60
C CYS A 282 -41.87 -50.08 -13.42
N ASP A 283 -42.59 -49.68 -14.46
CA ASP A 283 -42.25 -48.52 -15.27
C ASP A 283 -43.20 -47.37 -14.94
N ILE A 284 -42.88 -46.20 -15.47
CA ILE A 284 -43.68 -45.00 -15.22
C ILE A 284 -44.08 -44.37 -16.55
N PRO A 285 -45.21 -43.68 -16.61
CA PRO A 285 -45.58 -42.98 -17.85
C PRO A 285 -44.55 -41.92 -18.21
N ALA A 286 -44.33 -41.75 -19.52
CA ALA A 286 -43.39 -40.75 -19.99
C ALA A 286 -43.88 -39.33 -19.70
N ILE A 287 -45.18 -39.14 -19.47
CA ILE A 287 -45.68 -37.82 -19.11
C ILE A 287 -45.16 -37.42 -17.73
N TRP A 288 -45.29 -38.33 -16.76
CA TRP A 288 -44.75 -38.06 -15.42
C TRP A 288 -43.23 -37.97 -15.44
N LYS A 289 -42.58 -38.82 -16.22
CA LYS A 289 -41.12 -38.83 -16.27
C LYS A 289 -40.58 -37.51 -16.82
N SER A 290 -41.24 -36.96 -17.83
CA SER A 290 -40.75 -35.72 -18.45
C SER A 290 -40.81 -34.55 -17.47
N ILE A 291 -41.89 -34.45 -16.69
CA ILE A 291 -42.02 -33.37 -15.73
C ILE A 291 -40.95 -33.50 -14.65
N PHE A 292 -40.65 -34.72 -14.22
CA PHE A 292 -39.65 -34.94 -13.19
C PHE A 292 -38.27 -34.48 -13.64
N LEU A 293 -37.91 -34.78 -14.89
CA LEU A 293 -36.56 -34.52 -15.36
C LEU A 293 -36.26 -33.03 -15.39
N TRP A 294 -37.21 -32.21 -15.81
CA TRP A 294 -36.98 -30.78 -15.92
C TRP A 294 -36.99 -30.07 -14.58
N LEU A 295 -37.47 -30.72 -13.51
CA LEU A 295 -37.35 -30.15 -12.17
C LEU A 295 -35.89 -30.04 -11.75
N GLY A 296 -35.11 -31.07 -12.03
CA GLY A 296 -33.72 -31.03 -11.62
C GLY A 296 -32.97 -29.96 -12.35
N TYR A 297 -33.24 -29.84 -13.64
CA TYR A 297 -32.48 -28.89 -14.47
C TYR A 297 -32.75 -27.50 -13.96
N SER A 298 -33.99 -27.28 -13.57
CA SER A 298 -34.40 -25.96 -13.06
C SER A 298 -33.84 -25.78 -11.68
N ASN A 299 -32.54 -26.00 -11.47
CA ASN A 299 -31.95 -25.72 -10.14
C ASN A 299 -30.68 -24.93 -10.42
N SER A 300 -30.46 -24.63 -11.68
CA SER A 300 -29.31 -23.80 -12.06
C SER A 300 -29.91 -22.41 -12.27
N PHE A 301 -31.19 -22.28 -11.91
CA PHE A 301 -31.84 -20.96 -11.95
C PHE A 301 -31.89 -20.43 -10.54
N PHE A 302 -32.40 -21.25 -9.62
CA PHE A 302 -32.48 -20.83 -8.20
C PHE A 302 -31.07 -20.70 -7.62
N ASN A 303 -30.23 -21.69 -7.83
CA ASN A 303 -28.86 -21.67 -7.25
C ASN A 303 -28.29 -20.25 -7.35
N PRO A 304 -28.11 -19.63 -8.54
CA PRO A 304 -27.48 -18.32 -8.63
C PRO A 304 -28.43 -17.22 -8.15
N LEU A 305 -29.55 -17.59 -7.60
CA LEU A 305 -30.43 -16.57 -7.00
C LEU A 305 -30.14 -16.59 -5.52
N ILE A 306 -30.56 -17.66 -4.87
CA ILE A 306 -30.38 -17.78 -3.41
C ILE A 306 -28.95 -17.47 -3.00
N TYR A 307 -27.95 -18.13 -3.56
CA TYR A 307 -26.56 -17.96 -3.03
C TYR A 307 -25.90 -16.69 -3.53
N THR A 308 -26.62 -15.78 -4.17
CA THR A 308 -25.98 -14.49 -4.52
C THR A 308 -27.00 -13.35 -4.62
N ALA A 309 -28.27 -13.66 -4.81
CA ALA A 309 -29.26 -12.58 -5.01
C ALA A 309 -29.56 -11.88 -3.69
N PHE A 310 -29.60 -12.63 -2.58
CA PHE A 310 -29.99 -12.03 -1.28
C PHE A 310 -28.73 -11.72 -0.45
N ASN A 311 -27.64 -11.27 -1.08
CA ASN A 311 -26.43 -10.84 -0.33
C ASN A 311 -26.13 -9.39 -0.74
N LYS A 312 -25.63 -8.57 0.18
CA LYS A 312 -25.47 -7.12 -0.13
C LYS A 312 -24.30 -6.87 -1.08
N ASN A 313 -23.10 -7.36 -0.75
CA ASN A 313 -21.90 -7.02 -1.58
C ASN A 313 -22.15 -7.36 -3.05
N TYR A 314 -23.10 -8.27 -3.32
CA TYR A 314 -23.42 -8.63 -4.72
C TYR A 314 -24.44 -7.64 -5.28
N ASN A 315 -25.57 -7.45 -4.59
CA ASN A 315 -26.64 -6.56 -5.12
C ASN A 315 -26.08 -5.15 -5.28
N SER A 316 -25.06 -4.80 -4.49
CA SER A 316 -24.44 -3.46 -4.63
C SER A 316 -24.05 -3.29 -6.10
N ALA A 317 -23.43 -4.32 -6.69
CA ALA A 317 -23.12 -4.24 -8.14
C ALA A 317 -24.29 -4.88 -8.88
N PHE A 318 -25.50 -4.70 -8.35
CA PHE A 318 -26.70 -5.25 -9.00
C PHE A 318 -26.52 -6.75 -9.25
N LEU B 2 17.95 -5.86 -22.03
CA LEU B 2 18.50 -5.56 -20.72
C LEU B 2 20.00 -5.83 -20.68
N SER B 3 20.75 -4.91 -20.07
CA SER B 3 22.19 -5.05 -19.94
C SER B 3 22.53 -5.90 -18.72
N ALA B 4 23.83 -6.03 -18.44
CA ALA B 4 24.28 -6.83 -17.32
C ALA B 4 23.85 -6.21 -15.98
N GLU B 5 23.99 -4.89 -15.86
CA GLU B 5 23.60 -4.23 -14.63
C GLU B 5 22.08 -4.13 -14.49
N ASP B 6 21.36 -4.03 -15.60
CA ASP B 6 19.87 -4.01 -15.56
C ASP B 6 19.30 -5.34 -15.05
N LYS B 7 19.90 -6.47 -15.40
CA LYS B 7 19.42 -7.74 -14.90
C LYS B 7 19.70 -7.89 -13.41
N ALA B 8 20.85 -7.39 -12.95
CA ALA B 8 21.18 -7.48 -11.53
C ALA B 8 20.21 -6.66 -10.68
N ALA B 9 19.77 -5.50 -11.19
CA ALA B 9 18.83 -4.67 -10.44
C ALA B 9 17.47 -5.34 -10.32
N VAL B 10 17.03 -6.04 -11.37
CA VAL B 10 15.74 -6.72 -11.33
C VAL B 10 15.74 -7.82 -10.29
N GLU B 11 16.89 -8.49 -10.11
CA GLU B 11 17.00 -9.53 -9.09
C GLU B 11 16.89 -8.95 -7.68
N ARG B 12 17.40 -7.73 -7.48
CA ARG B 12 17.30 -7.09 -6.17
C ARG B 12 15.84 -6.81 -5.80
N SER B 13 15.03 -6.40 -6.77
CA SER B 13 13.62 -6.12 -6.50
C SER B 13 12.85 -7.38 -6.10
N LYS B 14 13.25 -8.53 -6.63
CA LYS B 14 12.56 -9.77 -6.31
C LYS B 14 12.76 -10.16 -4.85
N MET B 15 13.98 -9.96 -4.32
CA MET B 15 14.24 -10.31 -2.93
C MET B 15 13.50 -9.37 -1.97
N ILE B 16 13.37 -8.11 -2.33
CA ILE B 16 12.62 -7.12 -1.50
C ILE B 16 11.14 -7.53 -1.48
N GLU B 17 10.63 -8.06 -2.59
CA GLU B 17 9.19 -8.47 -2.69
C GLU B 17 8.90 -9.69 -1.82
N LYS B 18 9.88 -10.54 -1.55
CA LYS B 18 9.72 -11.72 -0.66
C LYS B 18 9.69 -11.27 0.80
N ASN B 19 10.60 -10.40 1.23
CA ASN B 19 10.59 -9.89 2.59
C ASN B 19 9.28 -9.16 2.91
N LEU B 20 8.76 -8.41 1.95
CA LEU B 20 7.47 -7.74 2.15
C LEU B 20 6.35 -8.74 2.30
N LYS B 21 6.37 -9.82 1.51
CA LYS B 21 5.32 -10.83 1.60
C LYS B 21 5.35 -11.56 2.92
N GLU B 22 6.55 -11.87 3.42
CA GLU B 22 6.66 -12.58 4.69
C GLU B 22 6.15 -11.74 5.86
N ASP B 23 6.44 -10.44 5.84
CA ASP B 23 6.02 -9.57 6.93
C ASP B 23 4.50 -9.41 6.98
N GLY B 24 3.85 -9.43 5.81
CA GLY B 24 2.39 -9.33 5.80
C GLY B 24 1.72 -10.54 6.44
N ILE B 25 2.27 -11.72 6.21
CA ILE B 25 1.72 -12.94 6.80
C ILE B 25 1.84 -12.88 8.32
N SER B 26 3.01 -12.48 8.82
CA SER B 26 3.26 -12.44 10.25
C SER B 26 2.47 -11.35 10.96
N ALA B 27 1.85 -10.43 10.22
CA ALA B 27 1.08 -9.34 10.83
C ALA B 27 -0.42 -9.57 10.79
N ALA B 28 -0.91 -10.43 9.90
CA ALA B 28 -2.35 -10.67 9.81
C ALA B 28 -2.88 -11.49 10.97
N LYS B 29 -2.01 -12.19 11.70
CA LYS B 29 -2.42 -13.01 12.84
C LYS B 29 -2.30 -12.25 14.16
N ASP B 30 -2.87 -11.04 14.18
CA ASP B 30 -2.89 -10.21 15.38
C ASP B 30 -4.29 -9.63 15.56
N VAL B 31 -4.62 -9.29 16.81
CA VAL B 31 -5.88 -8.67 17.15
C VAL B 31 -5.59 -7.26 17.65
N LYS B 32 -6.19 -6.27 17.01
CA LYS B 32 -5.96 -4.87 17.31
C LYS B 32 -7.15 -4.29 18.05
N LEU B 33 -6.89 -3.70 19.21
CA LEU B 33 -7.93 -3.14 20.07
C LEU B 33 -7.58 -1.70 20.42
N LEU B 34 -8.60 -0.86 20.50
CA LEU B 34 -8.45 0.56 20.80
C LEU B 34 -8.89 0.82 22.23
N LEU B 35 -8.04 1.49 23.00
CA LEU B 35 -8.27 1.73 24.42
C LEU B 35 -8.59 3.21 24.62
N LEU B 36 -9.77 3.49 25.18
CA LEU B 36 -10.26 4.84 25.37
C LEU B 36 -10.80 5.00 26.77
N GLY B 37 -10.83 6.24 27.23
CA GLY B 37 -11.37 6.57 28.54
C GLY B 37 -10.72 7.82 29.08
N ALA B 38 -11.38 8.43 30.07
CA ALA B 38 -10.86 9.61 30.71
C ALA B 38 -9.68 9.25 31.62
N ASP B 39 -9.01 10.28 32.13
CA ASP B 39 -7.85 10.08 32.98
C ASP B 39 -8.26 9.47 34.32
N ASN B 40 -7.34 8.71 34.91
CA ASN B 40 -7.56 8.03 36.18
C ASN B 40 -8.80 7.14 36.12
N SER B 41 -8.88 6.32 35.08
CA SER B 41 -9.99 5.39 34.89
C SER B 41 -9.55 3.93 34.88
N GLY B 42 -8.27 3.65 35.08
CA GLY B 42 -7.78 2.29 35.09
C GLY B 42 -7.28 1.76 33.76
N LYS B 43 -7.03 2.64 32.78
CA LYS B 43 -6.55 2.19 31.49
C LYS B 43 -5.17 1.55 31.60
N SER B 44 -4.28 2.14 32.41
CA SER B 44 -2.89 1.68 32.47
C SER B 44 -2.78 0.29 33.08
N THR B 45 -3.72 -0.09 33.94
CA THR B 45 -3.64 -1.38 34.63
C THR B 45 -4.85 -2.25 34.34
N ILE B 46 -5.23 -2.36 33.06
CA ILE B 46 -6.43 -3.12 32.74
C ILE B 46 -6.12 -4.61 32.64
N VAL B 47 -4.91 -4.98 32.24
CA VAL B 47 -4.47 -6.38 32.17
C VAL B 47 -3.15 -6.48 32.90
N LYS B 48 -3.03 -7.49 33.78
CA LYS B 48 -1.86 -7.59 34.63
C LYS B 48 -0.58 -7.81 33.84
N GLN B 49 -0.65 -8.62 32.78
CA GLN B 49 0.54 -9.03 32.03
C GLN B 49 0.76 -8.22 30.77
N MET B 50 0.45 -6.92 30.78
CA MET B 50 0.79 -6.07 29.65
C MET B 50 2.26 -5.66 29.72
N LYS B 51 2.92 -5.63 28.57
CA LYS B 51 4.29 -5.18 28.46
C LYS B 51 4.36 -4.07 27.43
N ILE B 52 5.00 -2.96 27.79
CA ILE B 52 5.11 -1.81 26.90
C ILE B 52 6.19 -2.10 25.86
N ILE B 53 5.84 -1.92 24.59
CA ILE B 53 6.78 -2.16 23.50
C ILE B 53 6.99 -0.88 22.70
N THR B 64 5.37 12.33 24.22
CA THR B 64 4.03 11.86 24.58
C THR B 64 3.17 11.69 23.34
N GLY B 65 3.29 10.54 22.68
CA GLY B 65 2.53 10.27 21.48
C GLY B 65 1.49 9.19 21.66
N ILE B 66 1.80 7.98 21.19
CA ILE B 66 0.91 6.84 21.29
C ILE B 66 1.61 5.75 22.08
N VAL B 67 0.87 5.08 22.97
CA VAL B 67 1.39 4.04 23.83
C VAL B 67 0.80 2.71 23.41
N GLU B 68 1.65 1.72 23.15
CA GLU B 68 1.23 0.40 22.70
C GLU B 68 1.62 -0.64 23.73
N THR B 69 0.66 -1.45 24.16
CA THR B 69 0.89 -2.57 25.06
C THR B 69 0.42 -3.86 24.41
N HIS B 70 1.22 -4.91 24.54
CA HIS B 70 0.93 -6.19 23.92
C HIS B 70 1.05 -7.31 24.94
N PHE B 71 0.14 -8.27 24.85
CA PHE B 71 0.19 -9.48 25.66
C PHE B 71 -0.29 -10.66 24.83
N THR B 72 0.12 -11.85 25.22
CA THR B 72 -0.26 -13.08 24.54
C THR B 72 -1.12 -13.95 25.44
N PHE B 73 -2.18 -14.49 24.87
CA PHE B 73 -3.14 -15.31 25.61
C PHE B 73 -3.57 -16.47 24.72
N LYS B 74 -3.71 -17.65 25.32
CA LYS B 74 -3.98 -18.87 24.58
C LYS B 74 -2.92 -19.05 23.49
N ASN B 75 -3.26 -18.66 22.26
CA ASN B 75 -2.32 -18.68 21.16
C ASN B 75 -2.34 -17.37 20.39
N LEU B 76 -3.34 -16.53 20.57
CA LEU B 76 -3.46 -15.29 19.84
C LEU B 76 -2.56 -14.21 20.42
N HIS B 77 -2.35 -13.15 19.63
CA HIS B 77 -1.55 -12.01 20.03
C HIS B 77 -2.41 -10.76 20.02
N PHE B 78 -2.38 -10.02 21.11
CA PHE B 78 -3.21 -8.82 21.29
C PHE B 78 -2.33 -7.58 21.30
N ARG B 79 -2.80 -6.53 20.63
CA ARG B 79 -2.13 -5.24 20.61
C ARG B 79 -3.11 -4.17 21.06
N LEU B 80 -2.76 -3.42 22.09
CA LEU B 80 -3.60 -2.37 22.64
C LEU B 80 -2.93 -1.02 22.44
N PHE B 81 -3.67 -0.07 21.89
CA PHE B 81 -3.16 1.28 21.62
C PHE B 81 -3.88 2.28 22.50
N ASP B 82 -3.11 3.10 23.22
CA ASP B 82 -3.65 4.10 24.13
C ASP B 82 -3.34 5.47 23.53
N VAL B 83 -4.37 6.28 23.36
CA VAL B 83 -4.24 7.63 22.80
C VAL B 83 -4.92 8.59 23.75
N GLY B 84 -4.13 9.15 24.68
CA GLY B 84 -4.63 10.15 25.59
C GLY B 84 -3.71 11.35 25.66
N GLY B 85 -2.50 11.19 25.12
CA GLY B 85 -1.54 12.25 25.05
C GLY B 85 -1.71 13.19 23.88
N GLN B 86 -2.70 12.94 23.03
CA GLN B 86 -3.01 13.80 21.88
C GLN B 86 -4.15 14.72 22.28
N ARG B 87 -3.82 15.94 22.70
CA ARG B 87 -4.82 16.93 23.08
C ARG B 87 -5.10 17.84 21.88
N SER B 88 -5.73 17.25 20.88
CA SER B 88 -6.03 17.94 19.62
C SER B 88 -7.39 17.48 19.12
N GLU B 89 -7.70 17.80 17.87
CA GLU B 89 -8.95 17.38 17.26
C GLU B 89 -8.87 15.91 16.89
N ARG B 90 -9.79 15.12 17.45
CA ARG B 90 -9.76 13.68 17.19
C ARG B 90 -10.10 13.35 15.74
N LYS B 91 -10.96 14.15 15.11
CA LYS B 91 -11.43 13.84 13.76
C LYS B 91 -10.32 13.88 12.73
N LYS B 92 -9.18 14.50 13.04
CA LYS B 92 -8.07 14.57 12.10
C LYS B 92 -7.24 13.29 12.07
N TRP B 93 -7.37 12.42 13.07
CA TRP B 93 -6.58 11.20 13.09
C TRP B 93 -7.37 9.98 13.57
N ILE B 94 -8.68 10.08 13.74
CA ILE B 94 -9.45 8.94 14.21
C ILE B 94 -9.61 7.88 13.13
N HIS B 95 -9.41 8.24 11.87
CA HIS B 95 -9.56 7.27 10.78
C HIS B 95 -8.39 6.32 10.67
N CYS B 96 -7.30 6.54 11.41
CA CYS B 96 -6.17 5.63 11.39
C CYS B 96 -6.51 4.30 12.05
N PHE B 97 -7.58 4.23 12.84
CA PHE B 97 -7.94 3.04 13.59
C PHE B 97 -9.29 2.50 13.15
N GLU B 98 -9.57 2.58 11.84
CA GLU B 98 -10.86 2.17 11.33
C GLU B 98 -11.00 0.65 11.27
N ASP B 99 -9.90 -0.07 11.16
CA ASP B 99 -9.91 -1.51 10.93
C ASP B 99 -9.52 -2.31 12.17
N VAL B 100 -9.92 -1.84 13.36
CA VAL B 100 -9.67 -2.58 14.59
C VAL B 100 -10.83 -3.53 14.85
N THR B 101 -10.57 -4.52 15.70
CA THR B 101 -11.58 -5.53 16.00
C THR B 101 -12.67 -4.99 16.93
N ALA B 102 -12.29 -4.23 17.97
CA ALA B 102 -13.25 -3.73 18.94
C ALA B 102 -12.65 -2.56 19.68
N ILE B 103 -13.47 -1.92 20.51
CA ILE B 103 -13.07 -0.78 21.33
C ILE B 103 -13.30 -1.12 22.78
N ILE B 104 -12.29 -0.87 23.62
CA ILE B 104 -12.39 -1.06 25.06
C ILE B 104 -12.57 0.30 25.71
N PHE B 105 -13.61 0.43 26.53
CA PHE B 105 -13.93 1.67 27.21
C PHE B 105 -13.93 1.44 28.71
N CYS B 106 -13.34 2.39 29.44
CA CYS B 106 -13.18 2.30 30.89
C CYS B 106 -13.85 3.48 31.57
N VAL B 107 -14.60 3.21 32.64
CA VAL B 107 -15.30 4.23 33.40
C VAL B 107 -15.05 3.99 34.88
N ASP B 108 -14.70 5.05 35.61
CA ASP B 108 -14.50 4.97 37.05
C ASP B 108 -15.78 5.41 37.75
N LEU B 109 -16.27 4.58 38.67
CA LEU B 109 -17.55 4.82 39.34
C LEU B 109 -17.43 5.56 40.65
N SER B 110 -16.22 5.83 41.12
CA SER B 110 -16.01 6.53 42.38
C SER B 110 -15.87 8.03 42.22
N ASP B 111 -15.91 8.54 41.00
CA ASP B 111 -15.71 9.96 40.71
C ASP B 111 -16.98 10.52 40.11
N TYR B 112 -17.57 11.50 40.78
CA TYR B 112 -18.79 12.16 40.30
C TYR B 112 -18.49 13.39 39.46
N ASN B 113 -17.22 13.74 39.28
CA ASN B 113 -16.83 14.88 38.46
C ASN B 113 -16.61 14.49 37.01
N ARG B 114 -15.94 13.36 36.77
CA ARG B 114 -15.70 12.89 35.40
C ARG B 114 -16.99 12.46 34.72
N MET B 115 -18.05 12.19 35.46
CA MET B 115 -19.34 11.90 34.85
C MET B 115 -19.83 13.12 34.07
N HIS B 116 -20.68 12.86 33.08
CA HIS B 116 -21.19 13.81 32.10
C HIS B 116 -20.09 14.29 31.15
N GLU B 117 -18.85 13.86 31.37
CA GLU B 117 -17.76 13.97 30.41
C GLU B 117 -17.40 12.63 29.79
N SER B 118 -17.43 11.56 30.59
CA SER B 118 -17.33 10.22 30.03
C SER B 118 -18.52 9.90 29.15
N LEU B 119 -19.72 10.30 29.56
CA LEU B 119 -20.90 10.12 28.73
C LEU B 119 -20.79 10.93 27.44
N MET B 120 -20.24 12.14 27.52
CA MET B 120 -20.06 12.95 26.32
C MET B 120 -19.06 12.31 25.36
N LEU B 121 -17.97 11.75 25.89
CA LEU B 121 -16.99 11.09 25.03
C LEU B 121 -17.52 9.79 24.47
N PHE B 122 -18.34 9.07 25.25
CA PHE B 122 -18.92 7.82 24.76
C PHE B 122 -19.86 8.07 23.59
N ASP B 123 -20.60 9.17 23.63
CA ASP B 123 -21.59 9.44 22.58
C ASP B 123 -20.92 9.67 21.22
N SER B 124 -19.80 10.37 21.20
CA SER B 124 -19.14 10.68 19.93
C SER B 124 -18.59 9.42 19.27
N ILE B 125 -18.01 8.52 20.06
CA ILE B 125 -17.43 7.30 19.50
C ILE B 125 -18.52 6.41 18.93
N CYS B 126 -19.63 6.26 19.65
CA CYS B 126 -20.68 5.34 19.24
C CYS B 126 -21.43 5.83 18.01
N ASN B 127 -21.37 7.13 17.71
CA ASN B 127 -22.06 7.71 16.57
C ASN B 127 -21.07 8.38 15.61
N ASN B 128 -19.97 7.69 15.35
CA ASN B 128 -18.94 8.18 14.45
C ASN B 128 -19.07 7.52 13.08
N LYS B 129 -18.68 8.27 12.04
CA LYS B 129 -18.85 7.77 10.67
C LYS B 129 -18.00 6.54 10.41
N PHE B 130 -16.78 6.51 10.94
CA PHE B 130 -15.86 5.42 10.67
C PHE B 130 -16.07 4.22 11.60
N PHE B 131 -16.98 4.31 12.57
CA PHE B 131 -17.20 3.25 13.55
C PHE B 131 -18.68 2.86 13.59
N ILE B 132 -19.28 2.68 12.42
CA ILE B 132 -20.71 2.36 12.35
C ILE B 132 -20.96 0.94 12.86
N ASP B 133 -20.10 0.00 12.48
CA ASP B 133 -20.32 -1.40 12.85
C ASP B 133 -19.17 -1.95 13.68
N THR B 134 -18.72 -1.19 14.68
CA THR B 134 -17.67 -1.63 15.59
C THR B 134 -18.24 -1.78 16.99
N SER B 135 -18.05 -2.95 17.58
CA SER B 135 -18.58 -3.24 18.91
C SER B 135 -17.74 -2.58 19.99
N ILE B 136 -18.28 -2.54 21.20
CA ILE B 136 -17.65 -1.89 22.34
C ILE B 136 -17.66 -2.82 23.53
N ILE B 137 -16.53 -2.95 24.20
CA ILE B 137 -16.41 -3.69 25.45
C ILE B 137 -16.26 -2.66 26.56
N LEU B 138 -17.26 -2.57 27.44
CA LEU B 138 -17.34 -1.52 28.44
C LEU B 138 -16.98 -2.07 29.80
N PHE B 139 -16.09 -1.35 30.51
CA PHE B 139 -15.62 -1.75 31.83
C PHE B 139 -16.07 -0.71 32.85
N LEU B 140 -16.69 -1.19 33.93
CA LEU B 140 -17.06 -0.37 35.07
C LEU B 140 -16.11 -0.71 36.22
N ASN B 141 -15.29 0.26 36.63
CA ASN B 141 -14.19 0.03 37.54
C ASN B 141 -14.49 0.56 38.94
N LYS B 142 -13.78 0.02 39.91
CA LYS B 142 -13.83 0.45 41.31
C LYS B 142 -15.26 0.37 41.86
N LYS B 143 -15.84 -0.84 41.76
CA LYS B 143 -17.17 -1.07 42.29
C LYS B 143 -17.15 -1.13 43.81
N ASP B 144 -16.04 -1.56 44.40
CA ASP B 144 -15.97 -1.67 45.86
C ASP B 144 -15.96 -0.30 46.52
N LEU B 145 -15.12 0.60 46.02
CA LEU B 145 -15.09 1.96 46.57
C LEU B 145 -16.36 2.72 46.27
N PHE B 146 -17.01 2.42 45.13
CA PHE B 146 -18.30 3.02 44.84
C PHE B 146 -19.36 2.56 45.83
N GLY B 147 -19.30 1.29 46.25
CA GLY B 147 -20.25 0.81 47.23
C GLY B 147 -20.09 1.46 48.59
N GLU B 148 -18.84 1.69 49.01
CA GLU B 148 -18.61 2.34 50.30
C GLU B 148 -18.94 3.83 50.24
N LYS B 149 -18.84 4.44 49.06
CA LYS B 149 -19.13 5.86 48.91
C LYS B 149 -20.63 6.15 48.94
N ILE B 150 -21.45 5.20 48.51
CA ILE B 150 -22.89 5.44 48.39
C ILE B 150 -23.54 5.70 49.74
N LYS B 151 -22.86 5.36 50.83
CA LYS B 151 -23.40 5.64 52.15
C LYS B 151 -23.39 7.13 52.50
N LYS B 152 -22.67 7.94 51.73
CA LYS B 152 -22.64 9.39 51.92
C LYS B 152 -23.42 10.15 50.85
N SER B 153 -23.11 9.91 49.57
CA SER B 153 -23.77 10.60 48.47
C SER B 153 -24.75 9.66 47.79
N PRO B 154 -26.06 9.90 47.87
CA PRO B 154 -27.02 8.96 47.28
C PRO B 154 -27.25 9.18 45.80
N LEU B 155 -26.18 9.39 45.03
CA LEU B 155 -26.21 9.48 43.58
C LEU B 155 -27.01 10.68 43.07
N THR B 156 -27.59 11.46 43.98
CA THR B 156 -28.35 12.63 43.58
C THR B 156 -27.44 13.77 43.16
N ILE B 157 -26.22 13.83 43.70
CA ILE B 157 -25.29 14.89 43.35
C ILE B 157 -24.90 14.78 41.88
N CYS B 158 -24.59 13.57 41.42
CA CYS B 158 -24.20 13.39 40.02
C CYS B 158 -25.41 13.45 39.09
N PHE B 159 -26.37 12.54 39.29
CA PHE B 159 -27.57 12.53 38.47
C PHE B 159 -28.72 13.16 39.24
N PRO B 160 -29.22 14.33 38.83
CA PRO B 160 -30.35 14.92 39.56
C PRO B 160 -31.65 14.19 39.34
N GLU B 161 -31.93 13.78 38.10
CA GLU B 161 -33.17 13.07 37.77
C GLU B 161 -33.00 11.58 38.05
N TYR B 162 -32.97 11.25 39.34
CA TYR B 162 -32.88 9.87 39.80
C TYR B 162 -33.88 9.63 40.91
N THR B 163 -34.66 8.55 40.78
CA THR B 163 -35.65 8.18 41.79
C THR B 163 -35.66 6.65 41.90
N GLY B 164 -35.10 6.14 42.99
CA GLY B 164 -35.08 4.70 43.22
C GLY B 164 -34.29 4.31 44.44
N PRO B 165 -34.45 3.05 44.87
CA PRO B 165 -33.71 2.59 46.06
C PRO B 165 -32.24 2.39 45.77
N ASN B 166 -31.40 3.30 46.25
CA ASN B 166 -29.99 3.33 45.87
C ASN B 166 -29.16 2.69 46.99
N THR B 167 -29.15 1.36 47.04
CA THR B 167 -28.27 0.70 47.99
C THR B 167 -26.95 0.30 47.33
N TYR B 168 -26.99 -0.67 46.41
CA TYR B 168 -25.82 -0.96 45.59
C TYR B 168 -26.18 -1.19 44.13
N GLU B 169 -27.30 -1.86 43.89
CA GLU B 169 -27.58 -2.42 42.57
C GLU B 169 -28.37 -1.47 41.68
N ASP B 170 -29.45 -0.88 42.21
CA ASP B 170 -30.23 0.05 41.41
C ASP B 170 -29.43 1.27 41.00
N ALA B 171 -28.42 1.63 41.80
CA ALA B 171 -27.50 2.70 41.39
C ALA B 171 -26.62 2.23 40.25
N ALA B 172 -26.05 1.02 40.37
CA ALA B 172 -25.18 0.51 39.31
C ALA B 172 -25.98 0.17 38.06
N ALA B 173 -27.20 -0.33 38.23
CA ALA B 173 -28.04 -0.60 37.07
C ALA B 173 -28.42 0.68 36.33
N TYR B 174 -28.61 1.77 37.08
CA TYR B 174 -28.93 3.05 36.44
C TYR B 174 -27.79 3.54 35.58
N ILE B 175 -26.55 3.40 36.06
CA ILE B 175 -25.39 3.88 35.31
C ILE B 175 -25.23 3.08 34.02
N GLN B 176 -25.43 1.76 34.09
CA GLN B 176 -25.32 0.93 32.89
C GLN B 176 -26.38 1.31 31.87
N ALA B 177 -27.61 1.58 32.31
CA ALA B 177 -28.68 1.95 31.39
C ALA B 177 -28.41 3.28 30.72
N GLN B 178 -27.67 4.17 31.38
CA GLN B 178 -27.38 5.48 30.78
C GLN B 178 -26.44 5.34 29.60
N PHE B 179 -25.45 4.45 29.69
CA PHE B 179 -24.49 4.31 28.60
C PHE B 179 -25.08 3.56 27.41
N GLU B 180 -25.92 2.56 27.66
CA GLU B 180 -26.47 1.76 26.57
C GLU B 180 -27.51 2.51 25.76
N SER B 181 -28.11 3.55 26.32
CA SER B 181 -29.09 4.34 25.58
C SER B 181 -28.47 5.20 24.50
N LYS B 182 -27.14 5.31 24.47
CA LYS B 182 -26.46 6.14 23.48
C LYS B 182 -26.30 5.45 22.14
N ASN B 183 -26.58 4.15 22.06
CA ASN B 183 -26.40 3.38 20.84
C ASN B 183 -27.74 3.28 20.10
N ARG B 184 -27.73 3.70 18.84
CA ARG B 184 -28.90 3.59 17.95
C ARG B 184 -28.43 2.93 16.65
N SER B 185 -28.39 1.61 16.64
CA SER B 185 -27.92 0.84 15.50
C SER B 185 -28.24 -0.64 15.71
N PRO B 186 -28.58 -1.38 14.65
CA PRO B 186 -28.89 -2.80 14.81
C PRO B 186 -27.72 -3.75 14.64
N ASN B 187 -26.59 -3.28 14.10
CA ASN B 187 -25.44 -4.14 13.82
C ASN B 187 -24.30 -3.94 14.81
N LYS B 188 -24.58 -3.36 15.97
CA LYS B 188 -23.59 -3.11 17.00
C LYS B 188 -24.10 -3.62 18.34
N GLU B 189 -23.20 -4.23 19.12
CA GLU B 189 -23.53 -4.74 20.44
C GLU B 189 -22.55 -4.19 21.46
N ILE B 190 -23.04 -3.93 22.67
CA ILE B 190 -22.24 -3.41 23.77
C ILE B 190 -22.11 -4.48 24.83
N TYR B 191 -20.88 -4.80 25.20
CA TYR B 191 -20.59 -5.77 26.24
C TYR B 191 -20.19 -5.05 27.51
N CYS B 192 -20.85 -5.37 28.62
CA CYS B 192 -20.64 -4.68 29.89
C CYS B 192 -20.16 -5.66 30.95
N HIS B 193 -19.25 -5.18 31.79
CA HIS B 193 -18.68 -6.00 32.86
C HIS B 193 -18.20 -5.09 33.97
N MET B 194 -18.37 -5.53 35.21
CA MET B 194 -17.97 -4.78 36.39
C MET B 194 -16.74 -5.43 37.02
N THR B 195 -15.72 -4.63 37.29
CA THR B 195 -14.46 -5.12 37.81
C THR B 195 -14.05 -4.34 39.06
N CYS B 196 -13.27 -4.99 39.90
CA CYS B 196 -12.67 -4.38 41.07
C CYS B 196 -11.19 -4.14 40.81
N ALA B 197 -10.49 -3.67 41.84
CA ALA B 197 -9.07 -3.39 41.73
C ALA B 197 -8.19 -4.63 41.84
N THR B 198 -8.74 -5.74 42.32
CA THR B 198 -7.96 -6.96 42.55
C THR B 198 -8.31 -8.10 41.60
N ASP B 199 -9.31 -7.92 40.75
CA ASP B 199 -9.69 -8.98 39.82
C ASP B 199 -8.58 -9.21 38.80
N THR B 200 -8.28 -10.48 38.55
CA THR B 200 -7.18 -10.85 37.66
C THR B 200 -7.63 -11.53 36.38
N ASN B 201 -8.91 -11.91 36.26
CA ASN B 201 -9.41 -12.58 35.07
C ASN B 201 -10.00 -11.60 34.04
N ASN B 202 -9.23 -10.56 33.70
CA ASN B 202 -9.68 -9.61 32.69
C ASN B 202 -9.39 -10.12 31.28
N ALA B 203 -8.33 -10.89 31.09
CA ALA B 203 -8.02 -11.41 29.76
C ALA B 203 -9.07 -12.41 29.29
N GLN B 204 -9.65 -13.17 30.21
CA GLN B 204 -10.71 -14.10 29.84
C GLN B 204 -11.94 -13.37 29.32
N VAL B 205 -12.31 -12.25 29.96
CA VAL B 205 -13.46 -11.48 29.52
C VAL B 205 -13.25 -10.93 28.13
N ILE B 206 -12.05 -10.40 27.86
CA ILE B 206 -11.76 -9.86 26.53
C ILE B 206 -11.75 -10.97 25.50
N PHE B 207 -11.19 -12.14 25.86
CA PHE B 207 -11.14 -13.26 24.93
C PHE B 207 -12.53 -13.72 24.52
N ASP B 208 -13.44 -13.82 25.49
CA ASP B 208 -14.78 -14.30 25.18
C ASP B 208 -15.57 -13.30 24.34
N ALA B 209 -15.40 -12.00 24.61
CA ALA B 209 -16.13 -10.99 23.84
C ALA B 209 -15.68 -10.98 22.38
N VAL B 210 -14.37 -11.10 22.14
CA VAL B 210 -13.86 -11.12 20.77
C VAL B 210 -14.38 -12.34 20.03
N THR B 211 -14.47 -13.48 20.71
CA THR B 211 -14.96 -14.70 20.07
C THR B 211 -16.40 -14.55 19.62
N ASP B 212 -17.24 -13.90 20.42
CA ASP B 212 -18.62 -13.66 20.01
C ASP B 212 -18.70 -12.66 18.87
N ILE B 213 -17.73 -11.76 18.76
CA ILE B 213 -17.74 -10.75 17.70
C ILE B 213 -17.45 -11.39 16.35
N ILE B 214 -16.47 -12.30 16.29
CA ILE B 214 -16.11 -12.92 15.02
C ILE B 214 -17.22 -13.85 14.54
N ILE B 215 -17.88 -14.55 15.46
CA ILE B 215 -19.00 -15.41 15.08
C ILE B 215 -20.10 -14.59 14.42
N ALA B 216 -20.48 -13.48 15.04
CA ALA B 216 -21.56 -12.65 14.51
C ALA B 216 -21.21 -12.10 13.14
N ASN B 217 -19.95 -11.71 12.94
CA ASN B 217 -19.54 -11.20 11.64
C ASN B 217 -19.63 -12.26 10.56
N ASN B 218 -19.45 -13.53 10.92
CA ASN B 218 -19.52 -14.60 9.93
C ASN B 218 -20.96 -14.92 9.56
N LEU B 219 -21.89 -14.84 10.51
CA LEU B 219 -23.30 -15.08 10.18
C LEU B 219 -23.83 -14.03 9.21
N ARG B 220 -23.50 -12.76 9.42
CA ARG B 220 -24.01 -11.73 8.54
C ARG B 220 -23.40 -11.79 7.16
N GLY B 221 -22.34 -12.57 6.97
CA GLY B 221 -21.83 -12.83 5.64
C GLY B 221 -22.53 -13.96 4.90
N CYS B 222 -23.39 -14.70 5.60
CA CYS B 222 -24.15 -15.79 4.99
C CYS B 222 -25.65 -15.57 5.09
N GLY B 223 -26.08 -14.32 5.24
CA GLY B 223 -27.49 -13.98 5.18
C GLY B 223 -28.35 -14.54 6.30
N LEU B 224 -27.88 -14.46 7.54
CA LEU B 224 -28.67 -14.86 8.69
C LEU B 224 -28.93 -13.74 9.68
N TYR B 225 -28.09 -12.70 9.71
CA TYR B 225 -28.30 -11.58 10.61
C TYR B 225 -27.85 -10.28 9.95
N GLU C 2 -8.34 48.99 30.31
CA GLU C 2 -7.49 48.57 29.22
C GLU C 2 -7.85 47.16 28.76
N LEU C 3 -8.59 46.44 29.60
CA LEU C 3 -9.05 45.10 29.24
C LEU C 3 -10.14 45.13 28.18
N ASP C 4 -10.73 46.29 27.90
CA ASP C 4 -11.72 46.44 26.84
C ASP C 4 -11.38 47.52 25.83
N GLN C 5 -10.52 48.47 26.18
CA GLN C 5 -10.10 49.48 25.20
C GLN C 5 -9.30 48.85 24.07
N LEU C 6 -8.47 47.85 24.39
CA LEU C 6 -7.69 47.18 23.36
C LEU C 6 -8.59 46.44 22.38
N ARG C 7 -9.71 45.88 22.86
CA ARG C 7 -10.62 45.18 21.96
C ARG C 7 -11.24 46.14 20.94
N GLN C 8 -11.57 47.36 21.37
CA GLN C 8 -12.15 48.32 20.45
C GLN C 8 -11.19 48.70 19.34
N GLU C 9 -9.90 48.89 19.67
CA GLU C 9 -8.92 49.21 18.65
C GLU C 9 -8.69 48.05 17.69
N ALA C 10 -8.85 46.81 18.17
CA ALA C 10 -8.69 45.66 17.30
C ALA C 10 -9.77 45.63 16.22
N GLU C 11 -11.01 45.94 16.58
CA GLU C 11 -12.09 45.98 15.59
C GLU C 11 -11.93 47.15 14.63
N GLN C 12 -11.35 48.26 15.09
CA GLN C 12 -11.14 49.41 14.21
C GLN C 12 -10.12 49.10 13.11
N LEU C 13 -9.03 48.41 13.47
CA LEU C 13 -8.01 48.09 12.47
C LEU C 13 -8.52 47.05 11.48
N LYS C 14 -9.40 46.16 11.91
CA LYS C 14 -9.95 45.16 10.99
C LYS C 14 -10.79 45.82 9.90
N ASN C 15 -11.56 46.86 10.26
CA ASN C 15 -12.37 47.55 9.28
C ASN C 15 -11.52 48.33 8.28
N GLN C 16 -10.38 48.85 8.72
CA GLN C 16 -9.49 49.57 7.81
C GLN C 16 -8.96 48.66 6.72
N ILE C 17 -8.61 47.42 7.08
CA ILE C 17 -8.10 46.47 6.10
C ILE C 17 -9.16 46.12 5.06
N ARG C 18 -10.40 45.89 5.51
CA ARG C 18 -11.46 45.53 4.57
C ARG C 18 -11.74 46.64 3.58
N ASP C 19 -11.74 47.90 4.04
CA ASP C 19 -11.97 49.02 3.13
C ASP C 19 -10.80 49.21 2.18
N ALA C 20 -9.58 48.97 2.64
CA ALA C 20 -8.41 49.12 1.79
C ALA C 20 -8.42 48.11 0.65
N ARG C 21 -8.84 46.87 0.92
CA ARG C 21 -8.92 45.86 -0.13
C ARG C 21 -10.00 46.17 -1.14
N LYS C 22 -11.10 46.79 -0.71
CA LYS C 22 -12.18 47.12 -1.64
C LYS C 22 -11.72 48.15 -2.66
N ALA C 23 -10.88 49.10 -2.25
CA ALA C 23 -10.38 50.12 -3.17
C ALA C 23 -9.45 49.54 -4.23
N CYS C 24 -8.84 48.39 -3.96
CA CYS C 24 -7.93 47.75 -4.91
C CYS C 24 -8.65 46.86 -5.91
N ALA C 25 -9.96 46.68 -5.76
CA ALA C 25 -10.74 45.84 -6.66
C ALA C 25 -11.48 46.73 -7.66
N ASP C 26 -11.19 46.54 -8.94
CA ASP C 26 -11.85 47.31 -9.99
C ASP C 26 -12.46 46.38 -11.03
N ALA C 27 -11.81 45.23 -11.27
CA ALA C 27 -12.33 44.24 -12.19
C ALA C 27 -11.94 42.86 -11.69
N THR C 28 -12.70 41.86 -12.12
CA THR C 28 -12.47 40.48 -11.74
C THR C 28 -11.62 39.76 -12.78
N LEU C 29 -11.06 38.62 -12.38
CA LEU C 29 -10.25 37.84 -13.30
C LEU C 29 -11.10 37.20 -14.39
N SER C 30 -12.35 36.86 -14.09
CA SER C 30 -13.23 36.29 -15.10
C SER C 30 -13.53 37.29 -16.22
N GLN C 31 -13.72 38.55 -15.87
CA GLN C 31 -13.98 39.58 -16.88
C GLN C 31 -12.78 39.77 -17.80
N ILE C 32 -11.57 39.77 -17.23
CA ILE C 32 -10.38 40.05 -18.03
C ILE C 32 -10.10 38.92 -19.00
N THR C 33 -10.16 37.68 -18.51
CA THR C 33 -9.80 36.51 -19.32
C THR C 33 -10.98 35.95 -20.10
N ASN C 34 -11.99 36.78 -20.39
CA ASN C 34 -13.17 36.28 -21.08
C ASN C 34 -12.87 36.01 -22.55
N ASN C 35 -11.96 36.77 -23.15
CA ASN C 35 -11.60 36.59 -24.55
C ASN C 35 -10.34 35.73 -24.70
N ILE C 36 -10.46 34.48 -24.26
CA ILE C 36 -9.40 33.49 -24.39
C ILE C 36 -10.01 32.16 -24.82
N ASP C 37 -9.40 31.52 -25.79
CA ASP C 37 -9.90 30.22 -26.25
C ASP C 37 -9.70 29.19 -25.14
N PRO C 38 -10.71 28.37 -24.87
CA PRO C 38 -10.57 27.35 -23.82
C PRO C 38 -9.54 26.29 -24.18
N VAL C 39 -9.00 25.65 -23.14
CA VAL C 39 -7.99 24.62 -23.35
C VAL C 39 -8.58 23.41 -24.07
N GLY C 40 -9.85 23.10 -23.79
CA GLY C 40 -10.52 22.02 -24.46
C GLY C 40 -10.80 20.82 -23.57
N ARG C 41 -10.76 19.62 -24.14
CA ARG C 41 -10.96 18.38 -23.41
C ARG C 41 -9.63 17.68 -23.24
N ILE C 42 -9.32 17.26 -22.02
CA ILE C 42 -8.04 16.66 -21.67
C ILE C 42 -8.31 15.23 -21.22
N GLN C 43 -7.66 14.27 -21.87
CA GLN C 43 -7.78 12.87 -21.52
C GLN C 43 -6.40 12.29 -21.29
N MET C 44 -6.23 11.58 -20.19
CA MET C 44 -4.94 11.00 -19.81
C MET C 44 -5.12 9.52 -19.48
N ARG C 45 -4.11 8.74 -19.81
CA ARG C 45 -4.11 7.30 -19.61
C ARG C 45 -3.14 6.92 -18.50
N THR C 46 -3.35 5.73 -17.95
CA THR C 46 -2.50 5.20 -16.90
C THR C 46 -1.33 4.43 -17.53
N ARG C 47 -0.11 4.89 -17.27
CA ARG C 47 1.08 4.29 -17.86
C ARG C 47 1.75 3.26 -16.96
N ARG C 48 1.78 3.49 -15.65
CA ARG C 48 2.41 2.57 -14.72
C ARG C 48 1.49 2.36 -13.52
N THR C 49 1.65 1.20 -12.88
CA THR C 49 0.92 0.87 -11.65
C THR C 49 1.90 0.18 -10.71
N LEU C 50 2.23 0.85 -9.60
CA LEU C 50 3.19 0.33 -8.65
C LEU C 50 2.48 -0.42 -7.53
N ARG C 51 2.89 -1.65 -7.28
CA ARG C 51 2.29 -2.51 -6.28
C ARG C 51 3.34 -2.95 -5.27
N GLY C 52 2.87 -3.29 -4.07
CA GLY C 52 3.76 -3.77 -3.03
C GLY C 52 3.38 -3.34 -1.62
N HIS C 53 2.59 -2.29 -1.49
CA HIS C 53 2.11 -1.87 -0.19
C HIS C 53 0.91 -2.72 0.23
N LEU C 54 0.75 -2.91 1.55
CA LEU C 54 -0.29 -3.77 2.08
C LEU C 54 -1.29 -3.03 2.96
N ALA C 55 -1.27 -1.71 2.98
CA ALA C 55 -2.20 -0.93 3.78
C ALA C 55 -2.46 0.39 3.07
N LYS C 56 -3.06 1.33 3.78
CA LYS C 56 -3.35 2.64 3.22
C LYS C 56 -2.07 3.44 2.98
N ILE C 57 -2.09 4.24 1.93
CA ILE C 57 -0.97 5.11 1.56
C ILE C 57 -1.34 6.54 1.92
N TYR C 58 -0.43 7.23 2.62
CA TYR C 58 -0.73 8.56 3.15
C TYR C 58 0.02 9.70 2.50
N ALA C 59 1.19 9.46 1.90
CA ALA C 59 1.97 10.55 1.35
C ALA C 59 2.95 10.02 0.30
N MET C 60 3.40 10.93 -0.56
CA MET C 60 4.47 10.65 -1.51
C MET C 60 5.13 11.96 -1.92
N HIS C 61 6.32 11.85 -2.50
CA HIS C 61 7.09 13.01 -2.94
C HIS C 61 8.00 12.62 -4.09
N TRP C 62 8.10 13.52 -5.08
CA TRP C 62 8.98 13.31 -6.22
C TRP C 62 10.40 13.76 -5.90
N GLY C 63 11.35 13.26 -6.69
CA GLY C 63 12.71 13.72 -6.65
C GLY C 63 12.97 14.78 -7.70
N THR C 64 14.07 15.52 -7.53
CA THR C 64 14.40 16.59 -8.45
C THR C 64 14.83 16.09 -9.83
N ASP C 65 15.16 14.81 -9.96
CA ASP C 65 15.53 14.24 -11.24
C ASP C 65 14.34 13.69 -12.01
N SER C 66 13.13 13.78 -11.45
CA SER C 66 11.90 13.39 -12.12
C SER C 66 11.88 11.92 -12.48
N ARG C 67 12.60 11.08 -11.74
CA ARG C 67 12.60 9.65 -12.00
C ARG C 67 12.35 8.84 -10.73
N LEU C 68 12.77 9.37 -9.58
CA LEU C 68 12.65 8.68 -8.30
C LEU C 68 11.56 9.31 -7.45
N LEU C 69 10.90 8.48 -6.65
CA LEU C 69 9.86 8.95 -5.73
C LEU C 69 9.80 8.03 -4.52
N VAL C 70 9.31 8.59 -3.41
CA VAL C 70 9.19 7.85 -2.16
C VAL C 70 7.73 7.91 -1.71
N SER C 71 7.30 6.89 -0.98
CA SER C 71 5.93 6.78 -0.52
C SER C 71 5.88 6.19 0.88
N ALA C 72 4.82 6.49 1.61
CA ALA C 72 4.66 6.07 2.99
C ALA C 72 3.31 5.39 3.18
N SER C 73 3.28 4.41 4.09
CA SER C 73 2.07 3.63 4.33
C SER C 73 2.02 3.20 5.79
N GLN C 74 0.81 2.82 6.22
CA GLN C 74 0.56 2.41 7.60
C GLN C 74 1.04 1.00 7.91
N ASP C 75 1.77 0.36 7.01
CA ASP C 75 2.37 -0.95 7.28
C ASP C 75 3.77 -0.83 7.84
N GLY C 76 4.25 0.38 8.10
CA GLY C 76 5.58 0.57 8.65
C GLY C 76 6.70 0.45 7.66
N LYS C 77 6.48 0.84 6.41
CA LYS C 77 7.51 0.76 5.37
C LYS C 77 7.60 2.05 4.59
N LEU C 78 8.83 2.41 4.22
CA LEU C 78 9.11 3.45 3.24
C LEU C 78 9.74 2.78 2.03
N ILE C 79 9.21 3.03 0.84
CA ILE C 79 9.67 2.41 -0.39
C ILE C 79 10.09 3.49 -1.38
N ILE C 80 11.26 3.31 -1.98
CA ILE C 80 11.76 4.19 -3.03
C ILE C 80 11.67 3.43 -4.35
N TRP C 81 10.98 4.01 -5.33
CA TRP C 81 10.71 3.36 -6.59
C TRP C 81 11.52 3.99 -7.73
N ASP C 82 11.71 3.20 -8.78
CA ASP C 82 12.21 3.68 -10.07
C ASP C 82 11.02 3.67 -11.04
N SER C 83 10.51 4.85 -11.36
CA SER C 83 9.25 4.94 -12.09
C SER C 83 9.38 4.44 -13.52
N TYR C 84 10.56 4.54 -14.12
CA TYR C 84 10.72 4.15 -15.52
C TYR C 84 10.55 2.65 -15.70
N THR C 85 11.12 1.85 -14.80
CA THR C 85 11.14 0.39 -14.94
C THR C 85 10.33 -0.33 -13.87
N THR C 86 9.73 0.41 -12.92
CA THR C 86 8.99 -0.18 -11.81
C THR C 86 9.87 -1.16 -11.03
N ASN C 87 11.06 -0.69 -10.67
CA ASN C 87 11.97 -1.43 -9.81
C ASN C 87 11.97 -0.79 -8.42
N LYS C 88 12.02 -1.63 -7.40
CA LYS C 88 12.15 -1.17 -6.03
C LYS C 88 13.63 -1.05 -5.68
N VAL C 89 14.00 0.10 -5.12
CA VAL C 89 15.40 0.38 -4.77
C VAL C 89 15.65 0.13 -3.29
N HIS C 90 14.83 0.71 -2.42
CA HIS C 90 15.00 0.59 -0.98
C HIS C 90 13.67 0.31 -0.31
N ALA C 91 13.75 -0.34 0.85
CA ALA C 91 12.59 -0.57 1.71
C ALA C 91 13.04 -0.38 3.15
N ILE C 92 12.60 0.69 3.78
CA ILE C 92 13.09 1.10 5.10
C ILE C 92 12.00 0.79 6.13
N PRO C 93 12.25 -0.08 7.10
CA PRO C 93 11.28 -0.30 8.18
C PRO C 93 11.26 0.84 9.18
N LEU C 94 10.07 1.24 9.57
CA LEU C 94 9.87 2.37 10.46
C LEU C 94 9.56 1.87 11.87
N ARG C 95 10.13 2.56 12.87
CA ARG C 95 9.90 2.17 14.26
C ARG C 95 8.45 2.36 14.66
N SER C 96 7.84 3.46 14.23
CA SER C 96 6.43 3.74 14.49
C SER C 96 5.64 3.59 13.20
N SER C 97 4.59 2.79 13.24
CA SER C 97 3.81 2.50 12.04
C SER C 97 2.83 3.61 11.68
N TRP C 98 2.56 4.54 12.59
CA TRP C 98 1.61 5.62 12.34
C TRP C 98 2.36 6.78 11.69
N VAL C 99 2.21 6.91 10.37
CA VAL C 99 2.94 7.87 9.56
C VAL C 99 1.95 8.73 8.79
N MET C 100 2.25 10.03 8.68
CA MET C 100 1.38 10.96 7.98
C MET C 100 2.05 11.81 6.92
N THR C 101 3.38 11.90 6.90
CA THR C 101 4.06 12.75 5.93
C THR C 101 5.45 12.20 5.64
N CYS C 102 5.98 12.57 4.47
CA CYS C 102 7.32 12.21 4.06
C CYS C 102 7.85 13.27 3.12
N ALA C 103 9.18 13.34 3.01
CA ALA C 103 9.82 14.34 2.17
C ALA C 103 11.08 13.75 1.56
N TYR C 104 11.52 14.36 0.46
CA TYR C 104 12.72 13.94 -0.25
C TYR C 104 13.62 15.16 -0.42
N ALA C 105 14.88 15.04 0.01
CA ALA C 105 15.79 16.17 -0.05
C ALA C 105 16.14 16.52 -1.50
N PRO C 106 16.33 17.80 -1.81
CA PRO C 106 16.68 18.16 -3.19
C PRO C 106 17.99 17.55 -3.68
N SER C 107 18.97 17.39 -2.79
CA SER C 107 20.23 16.79 -3.20
C SER C 107 20.08 15.31 -3.54
N GLY C 108 19.22 14.61 -2.82
CA GLY C 108 19.02 13.19 -3.04
C GLY C 108 19.67 12.26 -2.04
N ASN C 109 20.16 12.78 -0.92
CA ASN C 109 20.87 11.97 0.05
C ASN C 109 20.06 11.68 1.31
N TYR C 110 18.88 12.27 1.46
CA TYR C 110 18.12 12.11 2.70
C TYR C 110 16.63 12.02 2.39
N VAL C 111 15.90 11.40 3.32
CA VAL C 111 14.45 11.40 3.35
C VAL C 111 13.99 11.71 4.76
N ALA C 112 12.73 12.09 4.89
CA ALA C 112 12.15 12.48 6.17
C ALA C 112 10.84 11.74 6.39
N CYS C 113 10.48 11.58 7.68
CA CYS C 113 9.28 10.86 8.06
C CYS C 113 8.77 11.42 9.38
N GLY C 114 7.48 11.21 9.63
CA GLY C 114 6.88 11.68 10.87
C GLY C 114 5.42 11.30 10.93
N GLY C 115 4.84 11.44 12.12
CA GLY C 115 3.46 11.07 12.34
C GLY C 115 2.96 11.31 13.75
N LEU C 116 2.24 10.33 14.30
CA LEU C 116 1.63 10.46 15.61
C LEU C 116 2.63 10.35 16.75
N ASP C 117 3.88 9.97 16.48
CA ASP C 117 4.89 9.86 17.53
C ASP C 117 5.42 11.21 17.98
N ASN C 118 5.24 12.26 17.17
CA ASN C 118 5.71 13.62 17.42
C ASN C 118 7.22 13.78 17.23
N ILE C 119 7.86 12.88 16.48
CA ILE C 119 9.27 13.01 16.14
C ILE C 119 9.40 13.02 14.63
N CYS C 120 10.19 13.97 14.11
CA CYS C 120 10.62 13.94 12.73
C CYS C 120 11.92 13.16 12.64
N SER C 121 11.96 12.14 11.79
CA SER C 121 13.11 11.26 11.65
C SER C 121 13.76 11.47 10.30
N ILE C 122 15.10 11.49 10.29
CA ILE C 122 15.89 11.74 9.09
C ILE C 122 16.73 10.51 8.81
N TYR C 123 16.69 10.03 7.57
CA TYR C 123 17.37 8.81 7.16
C TYR C 123 18.47 9.14 6.15
N ASN C 124 19.62 8.47 6.28
CA ASN C 124 20.77 8.69 5.42
C ASN C 124 20.80 7.58 4.37
N LEU C 125 20.67 7.97 3.10
CA LEU C 125 20.60 7.00 2.01
C LEU C 125 21.96 6.62 1.47
N LYS C 126 22.84 7.60 1.28
CA LYS C 126 24.16 7.36 0.70
C LYS C 126 25.19 7.31 1.84
N THR C 127 25.68 6.11 2.14
CA THR C 127 26.64 5.92 3.21
C THR C 127 27.33 4.59 2.98
N ARG C 128 28.41 4.37 3.74
CA ARG C 128 29.08 3.08 3.73
C ARG C 128 28.16 2.02 4.35
N GLU C 129 28.65 0.78 4.35
CA GLU C 129 27.97 -0.40 4.86
C GLU C 129 26.78 -0.81 4.01
N GLY C 130 26.43 -0.05 2.98
CA GLY C 130 25.39 -0.45 2.04
C GLY C 130 24.02 -0.63 2.66
N ASN C 131 23.64 0.24 3.58
CA ASN C 131 22.32 0.16 4.19
C ASN C 131 21.90 1.55 4.66
N VAL C 132 20.60 1.71 4.88
CA VAL C 132 20.03 2.97 5.33
C VAL C 132 19.90 2.94 6.84
N ARG C 133 20.45 3.97 7.49
CA ARG C 133 20.42 4.08 8.94
C ARG C 133 19.86 5.43 9.35
N VAL C 134 19.30 5.48 10.56
CA VAL C 134 18.74 6.72 11.07
C VAL C 134 19.87 7.69 11.39
N SER C 135 19.72 8.93 10.95
CA SER C 135 20.74 9.95 11.16
C SER C 135 20.42 10.91 12.28
N ARG C 136 19.15 11.25 12.48
CA ARG C 136 18.78 12.26 13.47
C ARG C 136 17.31 12.10 13.82
N GLU C 137 16.98 12.30 15.10
CA GLU C 137 15.60 12.33 15.56
C GLU C 137 15.35 13.70 16.18
N LEU C 138 14.33 14.40 15.68
CA LEU C 138 14.00 15.75 16.13
C LEU C 138 12.78 15.70 17.04
N ALA C 139 12.94 16.21 18.26
CA ALA C 139 11.88 16.17 19.27
C ALA C 139 11.64 17.57 19.80
N GLY C 140 10.41 17.82 20.25
CA GLY C 140 10.05 19.13 20.76
C GLY C 140 8.63 19.56 20.47
N HIS C 141 7.99 18.94 19.49
CA HIS C 141 6.58 19.19 19.23
C HIS C 141 5.70 18.44 20.22
N THR C 142 4.63 19.09 20.66
CA THR C 142 3.69 18.48 21.60
C THR C 142 2.48 17.86 20.90
N GLY C 143 2.45 17.84 19.58
CA GLY C 143 1.38 17.22 18.84
C GLY C 143 1.91 16.46 17.64
N TYR C 144 0.99 15.86 16.90
CA TYR C 144 1.37 15.07 15.73
C TYR C 144 1.91 15.96 14.62
N LEU C 145 2.84 15.40 13.85
CA LEU C 145 3.41 16.10 12.71
C LEU C 145 2.53 15.91 11.47
N SER C 146 2.27 17.00 10.76
CA SER C 146 1.41 16.99 9.60
C SER C 146 2.16 17.04 8.28
N CYS C 147 3.18 17.87 8.16
CA CYS C 147 3.93 18.01 6.93
C CYS C 147 5.35 18.45 7.24
N CYS C 148 6.25 18.19 6.29
CA CYS C 148 7.65 18.60 6.43
C CYS C 148 8.25 18.79 5.04
N ARG C 149 9.18 19.74 4.93
CA ARG C 149 9.83 20.05 3.67
C ARG C 149 11.28 20.44 3.92
N PHE C 150 12.15 20.06 2.99
CA PHE C 150 13.58 20.34 3.08
C PHE C 150 13.92 21.66 2.41
N LEU C 151 14.88 22.38 2.99
CA LEU C 151 15.46 23.56 2.38
C LEU C 151 16.87 23.32 1.88
N ASP C 152 17.70 22.66 2.70
CA ASP C 152 19.04 22.23 2.31
C ASP C 152 19.27 20.86 2.94
N ASP C 153 20.52 20.43 2.96
CA ASP C 153 20.88 19.20 3.67
C ASP C 153 21.00 19.42 5.16
N ASN C 154 20.85 20.65 5.65
CA ASN C 154 20.96 20.95 7.07
C ASN C 154 19.78 21.72 7.63
N GLN C 155 18.74 21.98 6.86
CA GLN C 155 17.59 22.71 7.36
C GLN C 155 16.30 22.06 6.88
N ILE C 156 15.29 22.11 7.75
CA ILE C 156 13.99 21.49 7.48
C ILE C 156 12.93 22.25 8.26
N VAL C 157 11.73 22.35 7.67
CA VAL C 157 10.60 23.06 8.26
C VAL C 157 9.46 22.06 8.47
N THR C 158 8.86 22.08 9.66
CA THR C 158 7.81 21.15 10.02
C THR C 158 6.60 21.90 10.57
N SER C 159 5.42 21.34 10.34
CA SER C 159 4.17 21.81 10.92
C SER C 159 3.56 20.68 11.74
N SER C 160 2.83 21.06 12.79
CA SER C 160 2.33 20.07 13.75
C SER C 160 0.92 20.44 14.19
N GLY C 161 0.34 19.58 15.01
CA GLY C 161 -0.99 19.71 15.56
C GLY C 161 -1.09 20.51 16.84
N ASP C 162 0.02 21.07 17.33
CA ASP C 162 -0.02 21.97 18.48
C ASP C 162 -0.04 23.44 18.04
N THR C 163 -0.52 23.71 16.83
CA THR C 163 -0.74 25.06 16.32
C THR C 163 0.55 25.87 16.19
N THR C 164 1.64 25.21 15.82
CA THR C 164 2.93 25.89 15.65
C THR C 164 3.67 25.32 14.45
N CYS C 165 4.63 26.10 13.96
CA CYS C 165 5.58 25.66 12.95
C CYS C 165 6.99 25.99 13.44
N ALA C 166 7.97 25.25 12.93
CA ALA C 166 9.33 25.38 13.43
C ALA C 166 10.33 25.15 12.31
N LEU C 167 11.54 25.65 12.51
CA LEU C 167 12.68 25.45 11.62
C LEU C 167 13.82 24.87 12.43
N TRP C 168 14.40 23.77 11.94
CA TRP C 168 15.37 22.99 12.70
C TRP C 168 16.75 23.08 12.08
N ASP C 169 17.76 22.79 12.91
CA ASP C 169 19.13 22.56 12.48
C ASP C 169 19.47 21.10 12.74
N ILE C 170 19.78 20.36 11.67
CA ILE C 170 19.86 18.91 11.77
C ILE C 170 21.07 18.48 12.59
N GLU C 171 22.23 19.09 12.34
CA GLU C 171 23.44 18.70 13.07
C GLU C 171 23.31 18.97 14.55
N THR C 172 22.80 20.14 14.93
CA THR C 172 22.63 20.47 16.33
C THR C 172 21.43 19.77 16.95
N GLY C 173 20.40 19.50 16.16
CA GLY C 173 19.20 18.86 16.67
C GLY C 173 18.23 19.80 17.35
N GLN C 174 18.44 21.12 17.26
CA GLN C 174 17.59 22.10 17.89
C GLN C 174 16.82 22.88 16.83
N GLN C 175 15.79 23.60 17.27
CA GLN C 175 14.99 24.43 16.38
C GLN C 175 15.39 25.90 16.57
N THR C 176 15.79 26.54 15.48
CA THR C 176 16.25 27.92 15.53
C THR C 176 15.10 28.91 15.70
N THR C 177 13.99 28.69 15.01
CA THR C 177 12.88 29.63 14.99
C THR C 177 11.57 28.89 15.21
N THR C 178 10.63 29.55 15.88
CA THR C 178 9.28 29.02 16.10
C THR C 178 8.27 30.03 15.59
N PHE C 179 7.33 29.57 14.77
CA PHE C 179 6.30 30.43 14.18
C PHE C 179 4.98 30.20 14.89
N THR C 180 4.38 31.28 15.39
CA THR C 180 3.15 31.21 16.18
C THR C 180 2.13 32.20 15.64
N GLY C 181 0.86 31.93 15.95
CA GLY C 181 -0.22 32.80 15.54
C GLY C 181 -1.49 32.07 15.14
N HIS C 182 -1.37 30.83 14.68
CA HIS C 182 -2.54 30.04 14.34
C HIS C 182 -3.31 29.66 15.60
N THR C 183 -4.61 29.43 15.43
CA THR C 183 -5.49 29.01 16.51
C THR C 183 -5.82 27.52 16.46
N GLY C 184 -5.94 26.96 15.26
CA GLY C 184 -6.21 25.55 15.10
C GLY C 184 -5.00 24.77 14.61
N ASP C 185 -5.23 23.48 14.38
CA ASP C 185 -4.15 22.58 13.99
C ASP C 185 -3.67 22.89 12.57
N VAL C 186 -2.36 23.04 12.41
CA VAL C 186 -1.77 23.30 11.10
C VAL C 186 -1.70 21.98 10.34
N MET C 187 -2.22 21.99 9.10
CA MET C 187 -2.34 20.77 8.34
C MET C 187 -1.47 20.70 7.09
N SER C 188 -1.17 21.83 6.45
CA SER C 188 -0.45 21.82 5.19
C SER C 188 0.61 22.92 5.19
N LEU C 189 1.49 22.84 4.19
CA LEU C 189 2.66 23.70 4.13
C LEU C 189 3.19 23.69 2.70
N SER C 190 3.79 24.81 2.29
CA SER C 190 4.34 24.94 0.94
C SER C 190 5.45 25.97 0.92
N LEU C 191 6.50 25.68 0.15
CA LEU C 191 7.68 26.53 0.04
C LEU C 191 7.69 27.29 -1.27
N ALA C 192 8.30 28.47 -1.26
CA ALA C 192 8.48 29.28 -2.45
C ALA C 192 9.68 28.79 -3.27
N PRO C 193 9.70 29.08 -4.57
CA PRO C 193 10.86 28.71 -5.38
C PRO C 193 12.17 29.32 -4.91
N ASP C 194 12.15 30.54 -4.38
CA ASP C 194 13.35 31.17 -3.85
C ASP C 194 13.64 30.79 -2.41
N THR C 195 12.73 30.07 -1.75
CA THR C 195 12.94 29.55 -0.40
C THR C 195 13.26 30.64 0.61
N ARG C 196 12.60 31.80 0.47
CA ARG C 196 12.68 32.85 1.48
C ARG C 196 11.36 33.09 2.18
N LEU C 197 10.26 32.54 1.68
CA LEU C 197 8.95 32.63 2.33
C LEU C 197 8.25 31.28 2.20
N PHE C 198 7.26 31.06 3.06
CA PHE C 198 6.41 29.89 2.96
C PHE C 198 5.03 30.20 3.51
N VAL C 199 4.06 29.39 3.10
CA VAL C 199 2.65 29.62 3.43
C VAL C 199 2.11 28.38 4.13
N SER C 200 1.15 28.60 5.03
CA SER C 200 0.57 27.52 5.82
C SER C 200 -0.94 27.68 5.88
N GLY C 201 -1.63 26.56 6.09
CA GLY C 201 -3.07 26.56 6.27
C GLY C 201 -3.53 25.65 7.39
N ALA C 202 -4.48 26.11 8.21
CA ALA C 202 -4.85 25.37 9.40
C ALA C 202 -6.36 25.15 9.51
N CYS C 203 -6.80 24.65 10.66
CA CYS C 203 -8.20 24.32 10.92
C CYS C 203 -9.03 25.52 11.37
N ASP C 204 -8.43 26.69 11.50
CA ASP C 204 -9.16 27.91 11.79
C ASP C 204 -9.66 28.60 10.53
N ALA C 205 -9.59 27.92 9.38
CA ALA C 205 -10.05 28.46 8.09
C ALA C 205 -9.32 29.74 7.73
N SER C 206 -7.99 29.70 7.80
CA SER C 206 -7.19 30.85 7.42
C SER C 206 -5.83 30.37 6.93
N ALA C 207 -5.17 31.23 6.16
CA ALA C 207 -3.83 30.97 5.65
C ALA C 207 -2.93 32.15 5.97
N LYS C 208 -1.67 31.86 6.25
CA LYS C 208 -0.71 32.88 6.69
C LYS C 208 0.57 32.78 5.88
N LEU C 209 1.19 33.93 5.65
CA LEU C 209 2.47 34.04 4.95
C LEU C 209 3.56 34.36 5.95
N TRP C 210 4.64 33.58 5.92
CA TRP C 210 5.71 33.68 6.89
C TRP C 210 7.01 34.08 6.22
N ASP C 211 7.90 34.69 6.99
CA ASP C 211 9.24 35.06 6.54
C ASP C 211 10.24 34.14 7.24
N VAL C 212 11.04 33.43 6.44
CA VAL C 212 11.92 32.40 7.00
C VAL C 212 12.99 33.03 7.87
N ARG C 213 13.58 34.15 7.43
CA ARG C 213 14.71 34.72 8.14
C ARG C 213 14.28 35.41 9.42
N GLU C 214 13.43 36.44 9.31
CA GLU C 214 13.03 37.21 10.48
C GLU C 214 12.03 36.47 11.36
N GLY C 215 11.39 35.43 10.85
CA GLY C 215 10.43 34.68 11.63
C GLY C 215 9.18 35.44 12.02
N MET C 216 8.69 36.30 11.15
CA MET C 216 7.51 37.11 11.40
C MET C 216 6.38 36.68 10.46
N CYS C 217 5.24 37.34 10.62
CA CYS C 217 4.06 37.08 9.79
C CYS C 217 3.76 38.32 8.95
N ARG C 218 3.60 38.12 7.64
CA ARG C 218 3.38 39.24 6.72
C ARG C 218 1.90 39.47 6.47
N GLN C 219 1.19 38.48 5.92
CA GLN C 219 -0.20 38.62 5.55
C GLN C 219 -1.00 37.41 5.99
N THR C 220 -2.30 37.63 6.18
CA THR C 220 -3.24 36.57 6.53
C THR C 220 -4.43 36.61 5.58
N PHE C 221 -4.89 35.43 5.16
CA PHE C 221 -5.95 35.30 4.17
C PHE C 221 -7.08 34.45 4.74
N THR C 222 -8.31 34.98 4.70
CA THR C 222 -9.48 34.31 5.23
C THR C 222 -10.62 34.40 4.21
N GLY C 223 -10.97 33.28 3.59
CA GLY C 223 -12.10 33.27 2.67
C GLY C 223 -12.95 32.01 2.69
N HIS C 224 -12.61 31.05 3.54
CA HIS C 224 -13.23 29.73 3.53
C HIS C 224 -14.31 29.62 4.60
N GLU C 225 -14.85 28.41 4.74
CA GLU C 225 -15.89 28.13 5.72
C GLU C 225 -15.65 26.83 6.48
N SER C 226 -14.50 26.20 6.30
CA SER C 226 -14.19 24.94 6.96
C SER C 226 -12.68 24.77 7.01
N ASP C 227 -12.24 23.56 7.36
CA ASP C 227 -10.82 23.28 7.53
C ASP C 227 -10.08 23.33 6.19
N ILE C 228 -8.79 23.64 6.25
CA ILE C 228 -7.93 23.69 5.09
C ILE C 228 -6.98 22.52 5.14
N ASN C 229 -6.90 21.75 4.05
CA ASN C 229 -6.09 20.53 4.01
C ASN C 229 -4.88 20.62 3.10
N ALA C 230 -4.93 21.42 2.04
CA ALA C 230 -3.85 21.44 1.05
C ALA C 230 -3.55 22.88 0.64
N ILE C 231 -2.34 23.07 0.10
CA ILE C 231 -1.88 24.40 -0.30
C ILE C 231 -0.72 24.21 -1.27
N CYS C 232 -0.55 25.17 -2.18
CA CYS C 232 0.48 25.07 -3.21
C CYS C 232 0.74 26.45 -3.82
N PHE C 233 2.00 26.69 -4.17
CA PHE C 233 2.43 27.94 -4.79
C PHE C 233 2.28 27.91 -6.31
N PHE C 234 2.03 29.09 -6.87
CA PHE C 234 2.16 29.31 -8.30
C PHE C 234 3.64 29.28 -8.70
N PRO C 235 3.96 28.80 -9.89
CA PRO C 235 5.37 28.80 -10.32
C PRO C 235 6.00 30.18 -10.36
N ASN C 236 5.21 31.21 -10.65
CA ASN C 236 5.72 32.58 -10.62
C ASN C 236 6.17 32.95 -9.21
N GLY C 237 5.38 32.59 -8.21
CA GLY C 237 5.69 32.90 -6.83
C GLY C 237 4.88 34.03 -6.21
N ASN C 238 3.83 34.51 -6.89
CA ASN C 238 3.01 35.60 -6.38
C ASN C 238 1.57 35.18 -6.18
N ALA C 239 1.28 33.89 -6.16
CA ALA C 239 -0.07 33.40 -5.92
C ALA C 239 0.01 31.98 -5.38
N PHE C 240 -1.09 31.56 -4.73
CA PHE C 240 -1.18 30.21 -4.19
C PHE C 240 -2.64 29.80 -4.15
N ALA C 241 -2.86 28.48 -4.05
CA ALA C 241 -4.20 27.90 -4.05
C ALA C 241 -4.37 27.01 -2.84
N THR C 242 -5.62 26.88 -2.38
CA THR C 242 -5.96 26.11 -1.20
C THR C 242 -7.18 25.24 -1.47
N GLY C 243 -7.30 24.18 -0.69
CA GLY C 243 -8.47 23.31 -0.74
C GLY C 243 -9.01 23.06 0.65
N SER C 244 -10.33 22.96 0.74
CA SER C 244 -11.01 22.86 2.02
C SER C 244 -12.00 21.71 2.01
N ASP C 245 -12.65 21.48 3.16
CA ASP C 245 -13.65 20.44 3.30
C ASP C 245 -15.02 20.84 2.76
N ASP C 246 -15.21 22.10 2.38
CA ASP C 246 -16.48 22.58 1.86
C ASP C 246 -16.59 22.39 0.34
N ALA C 247 -15.77 21.52 -0.24
CA ALA C 247 -15.79 21.21 -1.67
C ALA C 247 -15.59 22.47 -2.50
N THR C 248 -14.47 23.15 -2.26
CA THR C 248 -14.18 24.39 -2.93
C THR C 248 -12.67 24.65 -2.92
N CYS C 249 -12.15 25.11 -4.05
CA CYS C 249 -10.79 25.61 -4.16
C CYS C 249 -10.81 27.10 -4.44
N ARG C 250 -9.83 27.82 -3.92
CA ARG C 250 -9.75 29.26 -4.07
C ARG C 250 -8.33 29.68 -4.42
N LEU C 251 -8.21 30.75 -5.19
CA LEU C 251 -6.94 31.30 -5.62
C LEU C 251 -6.73 32.66 -4.97
N PHE C 252 -5.56 32.85 -4.35
CA PHE C 252 -5.24 34.06 -3.63
C PHE C 252 -4.03 34.73 -4.25
N ASP C 253 -4.03 36.06 -4.25
CA ASP C 253 -2.94 36.86 -4.77
C ASP C 253 -2.22 37.57 -3.62
N LEU C 254 -0.91 37.76 -3.78
CA LEU C 254 -0.12 38.36 -2.72
C LEU C 254 -0.10 39.89 -2.81
N ARG C 255 0.22 40.45 -3.98
CA ARG C 255 0.31 41.89 -4.09
C ARG C 255 -1.05 42.57 -3.91
N ALA C 256 -2.10 41.99 -4.49
CA ALA C 256 -3.44 42.52 -4.25
C ALA C 256 -3.96 42.14 -2.87
N ASP C 257 -3.47 41.03 -2.31
CA ASP C 257 -3.80 40.60 -0.96
C ASP C 257 -5.30 40.35 -0.80
N GLN C 258 -5.84 39.50 -1.68
CA GLN C 258 -7.24 39.09 -1.62
C GLN C 258 -7.44 37.90 -2.55
N GLU C 259 -8.66 37.40 -2.58
CA GLU C 259 -9.01 36.23 -3.38
C GLU C 259 -9.36 36.63 -4.81
N LEU C 260 -9.02 35.76 -5.76
CA LEU C 260 -9.21 36.02 -7.18
C LEU C 260 -10.24 35.13 -7.84
N MET C 261 -10.32 33.86 -7.48
CA MET C 261 -11.23 32.93 -8.14
C MET C 261 -11.71 31.87 -7.16
N THR C 262 -12.88 31.29 -7.46
CA THR C 262 -13.45 30.20 -6.72
C THR C 262 -13.79 29.07 -7.68
N TYR C 263 -13.38 27.85 -7.35
CA TYR C 263 -13.65 26.67 -8.18
C TYR C 263 -14.62 25.77 -7.44
N SER C 264 -15.80 25.57 -8.02
CA SER C 264 -16.83 24.78 -7.36
C SER C 264 -17.80 24.24 -8.41
N HIS C 265 -18.54 23.21 -8.03
CA HIS C 265 -19.56 22.63 -8.88
C HIS C 265 -20.68 22.10 -8.00
N ASP C 266 -21.88 21.99 -8.59
CA ASP C 266 -23.05 21.54 -7.85
C ASP C 266 -23.11 20.03 -7.66
N ASN C 267 -22.28 19.26 -8.37
CA ASN C 267 -22.28 17.81 -8.26
C ASN C 267 -21.27 17.28 -7.24
N ILE C 268 -20.50 18.14 -6.60
CA ILE C 268 -19.47 17.74 -5.65
C ILE C 268 -19.86 18.24 -4.27
N ILE C 269 -19.89 17.33 -3.30
CA ILE C 269 -20.23 17.68 -1.93
C ILE C 269 -19.21 17.08 -0.97
N CYS C 270 -18.11 16.58 -1.51
CA CYS C 270 -17.07 15.93 -0.70
C CYS C 270 -15.85 16.82 -0.59
N GLY C 271 -15.02 16.52 0.41
CA GLY C 271 -13.86 17.34 0.69
C GLY C 271 -12.72 17.11 -0.29
N ILE C 272 -11.70 17.96 -0.16
CA ILE C 272 -10.55 17.97 -1.05
C ILE C 272 -9.31 17.64 -0.23
N THR C 273 -8.53 16.67 -0.71
CA THR C 273 -7.37 16.16 0.01
C THR C 273 -6.06 16.81 -0.41
N SER C 274 -5.88 17.09 -1.70
CA SER C 274 -4.61 17.61 -2.18
C SER C 274 -4.80 18.44 -3.44
N VAL C 275 -3.90 19.39 -3.66
CA VAL C 275 -3.91 20.25 -4.84
C VAL C 275 -2.50 20.34 -5.41
N SER C 276 -2.43 20.62 -6.71
CA SER C 276 -1.14 20.79 -7.39
C SER C 276 -1.35 21.57 -8.67
N PHE C 277 -0.26 22.17 -9.15
CA PHE C 277 -0.26 22.99 -10.36
C PHE C 277 0.47 22.27 -11.48
N SER C 278 0.40 22.86 -12.66
CA SER C 278 1.18 22.42 -13.81
C SER C 278 2.44 23.27 -13.95
N LYS C 279 3.29 22.91 -14.90
CA LYS C 279 4.53 23.64 -15.10
C LYS C 279 4.28 25.07 -15.55
N SER C 280 3.34 25.26 -16.48
CA SER C 280 3.01 26.60 -16.95
C SER C 280 2.13 27.34 -15.96
N GLY C 281 1.23 26.63 -15.27
CA GLY C 281 0.27 27.25 -14.38
C GLY C 281 -1.13 27.37 -14.93
N ARG C 282 -1.39 26.83 -16.12
CA ARG C 282 -2.73 26.90 -16.71
C ARG C 282 -3.68 25.85 -16.16
N LEU C 283 -3.17 24.83 -15.48
CA LEU C 283 -3.96 23.71 -15.00
C LEU C 283 -3.82 23.56 -13.49
N LEU C 284 -4.94 23.29 -12.82
CA LEU C 284 -4.97 22.99 -11.39
C LEU C 284 -5.58 21.61 -11.19
N LEU C 285 -4.87 20.76 -10.47
CA LEU C 285 -5.28 19.38 -10.23
C LEU C 285 -5.63 19.21 -8.75
N ALA C 286 -6.76 18.56 -8.47
CA ALA C 286 -7.22 18.35 -7.11
C ALA C 286 -7.72 16.93 -6.93
N GLY C 287 -7.49 16.37 -5.74
CA GLY C 287 -7.97 15.05 -5.39
C GLY C 287 -9.12 15.16 -4.40
N TYR C 288 -10.09 14.27 -4.54
CA TYR C 288 -11.33 14.34 -3.78
C TYR C 288 -11.57 13.05 -3.00
N ASP C 289 -12.63 13.08 -2.19
CA ASP C 289 -13.04 11.93 -1.40
C ASP C 289 -13.91 10.94 -2.17
N ASP C 290 -14.39 11.32 -3.36
CA ASP C 290 -15.26 10.46 -4.16
C ASP C 290 -14.47 9.58 -5.13
N PHE C 291 -13.20 9.30 -4.82
CA PHE C 291 -12.33 8.35 -5.51
C PHE C 291 -11.83 8.87 -6.86
N ASN C 292 -12.01 10.15 -7.16
CA ASN C 292 -11.65 10.70 -8.46
C ASN C 292 -10.64 11.83 -8.30
N CYS C 293 -10.30 12.45 -9.43
CA CYS C 293 -9.40 13.60 -9.47
C CYS C 293 -9.81 14.48 -10.64
N ASN C 294 -10.01 15.77 -10.37
CA ASN C 294 -10.52 16.71 -11.35
C ASN C 294 -9.42 17.63 -11.85
N VAL C 295 -9.60 18.12 -13.08
CA VAL C 295 -8.68 19.08 -13.69
C VAL C 295 -9.46 20.35 -13.98
N TRP C 296 -8.94 21.48 -13.52
CA TRP C 296 -9.61 22.77 -13.65
C TRP C 296 -8.77 23.70 -14.53
N ASP C 297 -9.45 24.61 -15.22
CA ASP C 297 -8.79 25.68 -15.94
C ASP C 297 -8.58 26.84 -14.98
N ALA C 298 -7.30 27.14 -14.68
CA ALA C 298 -6.99 28.07 -13.61
C ALA C 298 -7.39 29.51 -13.93
N LEU C 299 -7.58 29.84 -15.21
CA LEU C 299 -7.89 31.21 -15.59
C LEU C 299 -9.36 31.43 -15.92
N LYS C 300 -10.14 30.37 -16.13
CA LYS C 300 -11.54 30.51 -16.51
C LYS C 300 -12.49 29.74 -15.60
N ALA C 301 -11.99 28.99 -14.62
CA ALA C 301 -12.81 28.26 -13.65
C ALA C 301 -13.79 27.32 -14.35
N ASP C 302 -13.25 26.46 -15.21
CA ASP C 302 -14.04 25.48 -15.94
C ASP C 302 -13.36 24.12 -15.87
N ARG C 303 -14.17 23.07 -15.72
CA ARG C 303 -13.65 21.72 -15.66
C ARG C 303 -13.11 21.30 -17.02
N ALA C 304 -12.04 20.51 -17.01
CA ALA C 304 -11.41 20.05 -18.24
C ALA C 304 -11.31 18.54 -18.36
N GLY C 305 -11.13 17.81 -17.26
CA GLY C 305 -10.99 16.37 -17.35
C GLY C 305 -11.16 15.73 -16.00
N VAL C 306 -11.20 14.39 -16.02
CA VAL C 306 -11.38 13.58 -14.82
C VAL C 306 -10.42 12.41 -14.89
N LEU C 307 -9.78 12.11 -13.76
CA LEU C 307 -8.86 10.97 -13.64
C LEU C 307 -9.48 10.00 -12.64
N ALA C 308 -10.05 8.91 -13.15
CA ALA C 308 -10.80 7.94 -12.32
C ALA C 308 -10.22 6.55 -12.52
N GLY C 309 -9.41 6.10 -11.56
CA GLY C 309 -8.86 4.76 -11.61
C GLY C 309 -8.70 4.10 -10.25
N HIS C 310 -9.23 4.72 -9.20
CA HIS C 310 -9.00 4.27 -7.83
C HIS C 310 -10.31 3.77 -7.22
N ASP C 311 -10.18 2.76 -6.35
CA ASP C 311 -11.31 2.17 -5.67
C ASP C 311 -11.56 2.76 -4.28
N ASN C 312 -10.70 3.66 -3.82
CA ASN C 312 -10.87 4.29 -2.51
C ASN C 312 -10.39 5.74 -2.61
N ARG C 313 -10.27 6.38 -1.45
CA ARG C 313 -10.02 7.81 -1.40
C ARG C 313 -8.63 8.16 -1.91
N VAL C 314 -8.56 9.20 -2.74
CA VAL C 314 -7.29 9.71 -3.24
C VAL C 314 -6.69 10.61 -2.16
N SER C 315 -5.47 10.28 -1.73
CA SER C 315 -4.85 10.94 -0.59
C SER C 315 -3.83 12.00 -0.98
N CYS C 316 -3.10 11.80 -2.07
CA CYS C 316 -1.97 12.67 -2.39
C CYS C 316 -1.77 12.75 -3.90
N LEU C 317 -1.19 13.87 -4.34
CA LEU C 317 -0.92 14.15 -5.74
C LEU C 317 0.55 14.57 -5.90
N GLY C 318 0.97 14.74 -7.14
CA GLY C 318 2.32 15.16 -7.43
C GLY C 318 2.61 15.37 -8.91
N VAL C 319 3.38 16.39 -9.24
CA VAL C 319 3.76 16.69 -10.61
C VAL C 319 5.28 16.82 -10.67
N THR C 320 5.88 16.22 -11.68
CA THR C 320 7.33 16.23 -11.82
C THR C 320 7.83 17.64 -12.16
N ASP C 321 9.11 17.87 -11.88
CA ASP C 321 9.71 19.18 -12.10
C ASP C 321 9.74 19.54 -13.58
N ASP C 322 9.80 18.55 -14.46
CA ASP C 322 9.72 18.79 -15.89
C ASP C 322 8.30 18.70 -16.44
N GLY C 323 7.31 18.43 -15.59
CA GLY C 323 5.93 18.43 -16.00
C GLY C 323 5.56 17.36 -17.02
N MET C 324 6.12 16.16 -16.87
CA MET C 324 5.88 15.08 -17.81
C MET C 324 4.87 14.06 -17.32
N ALA C 325 4.65 13.95 -16.00
CA ALA C 325 3.75 12.94 -15.47
C ALA C 325 3.11 13.46 -14.20
N VAL C 326 2.00 12.82 -13.83
CA VAL C 326 1.28 13.10 -12.58
C VAL C 326 1.11 11.78 -11.85
N ALA C 327 1.41 11.78 -10.56
CA ALA C 327 1.29 10.59 -9.72
C ALA C 327 0.19 10.79 -8.69
N THR C 328 -0.56 9.72 -8.42
CA THR C 328 -1.66 9.74 -7.46
C THR C 328 -1.52 8.57 -6.49
N GLY C 329 -1.90 8.78 -5.24
CA GLY C 329 -1.92 7.72 -4.25
C GLY C 329 -3.31 7.57 -3.66
N SER C 330 -3.61 6.42 -3.06
CA SER C 330 -4.96 6.17 -2.56
C SER C 330 -4.88 5.23 -1.36
N TRP C 331 -6.06 4.96 -0.79
CA TRP C 331 -6.19 4.10 0.38
C TRP C 331 -6.27 2.62 0.02
N ASP C 332 -6.23 2.27 -1.26
CA ASP C 332 -6.28 0.89 -1.71
C ASP C 332 -4.90 0.30 -1.94
N SER C 333 -3.86 0.89 -1.33
CA SER C 333 -2.48 0.37 -1.38
C SER C 333 -1.90 0.41 -2.78
N PHE C 334 -2.40 1.28 -3.65
CA PHE C 334 -1.91 1.42 -5.01
C PHE C 334 -1.56 2.86 -5.30
N LEU C 335 -0.59 3.06 -6.19
CA LEU C 335 -0.29 4.37 -6.71
C LEU C 335 0.03 4.26 -8.20
N LYS C 336 -0.49 5.20 -8.99
CA LYS C 336 -0.45 5.12 -10.44
C LYS C 336 0.19 6.37 -11.02
N ILE C 337 0.74 6.22 -12.23
CA ILE C 337 1.40 7.30 -12.95
C ILE C 337 0.62 7.56 -14.23
N TRP C 338 0.17 8.79 -14.42
CA TRP C 338 -0.65 9.17 -15.56
C TRP C 338 0.15 10.07 -16.50
N ASN C 339 -0.32 10.12 -17.75
CA ASN C 339 0.35 10.90 -18.77
C ASN C 339 -0.59 11.18 -19.94
N SER D 8 -4.73 38.79 30.17
CA SER D 8 -5.54 39.24 29.04
C SER D 8 -4.99 40.53 28.45
N ILE D 9 -4.40 41.36 29.31
CA ILE D 9 -3.79 42.60 28.84
C ILE D 9 -2.63 42.30 27.90
N ALA D 10 -1.77 41.36 28.28
CA ALA D 10 -0.63 41.00 27.44
C ALA D 10 -1.08 40.36 26.13
N GLN D 11 -2.09 39.49 26.20
CA GLN D 11 -2.57 38.82 24.99
C GLN D 11 -3.21 39.82 24.02
N ALA D 12 -3.99 40.76 24.54
CA ALA D 12 -4.65 41.73 23.67
C ALA D 12 -3.67 42.70 23.04
N ARG D 13 -2.61 43.06 23.76
CA ARG D 13 -1.64 44.01 23.22
C ARG D 13 -0.91 43.44 22.01
N LYS D 14 -0.57 42.14 22.06
CA LYS D 14 0.11 41.52 20.93
C LYS D 14 -0.77 41.46 19.70
N LEU D 15 -2.07 41.22 19.89
CA LEU D 15 -2.99 41.16 18.75
C LEU D 15 -3.07 42.50 18.03
N VAL D 16 -3.14 43.60 18.79
CA VAL D 16 -3.21 44.92 18.18
C VAL D 16 -1.89 45.25 17.47
N GLU D 17 -0.76 44.83 18.05
CA GLU D 17 0.52 45.08 17.43
C GLU D 17 0.73 44.28 16.15
N GLN D 18 -0.03 43.21 15.95
CA GLN D 18 0.06 42.43 14.72
C GLN D 18 -0.82 43.00 13.61
N LEU D 19 -2.00 43.49 13.96
CA LEU D 19 -2.89 44.07 12.94
C LEU D 19 -2.30 45.34 12.34
N LYS D 20 -1.59 46.14 13.13
CA LYS D 20 -1.03 47.38 12.62
C LYS D 20 0.03 47.11 11.55
N MET D 21 0.86 46.08 11.76
CA MET D 21 1.90 45.77 10.78
C MET D 21 1.29 45.32 9.45
N GLU D 22 0.21 44.54 9.50
CA GLU D 22 -0.43 44.04 8.29
C GLU D 22 -1.31 45.08 7.60
N ALA D 23 -1.69 46.15 8.31
CA ALA D 23 -2.58 47.15 7.77
C ALA D 23 -1.85 48.32 7.12
N ASN D 24 -0.51 48.30 7.09
CA ASN D 24 0.29 49.36 6.47
C ASN D 24 1.28 48.69 5.53
N ILE D 25 0.83 48.42 4.30
CA ILE D 25 1.64 47.86 3.23
C ILE D 25 1.18 48.48 1.92
N ASP D 26 1.89 48.14 0.84
CA ASP D 26 1.57 48.65 -0.48
C ASP D 26 0.83 47.58 -1.28
N ARG D 27 -0.34 47.93 -1.78
CA ARG D 27 -1.18 47.02 -2.55
C ARG D 27 -1.35 47.55 -3.97
N ILE D 28 -1.54 46.62 -4.91
CA ILE D 28 -1.74 46.97 -6.30
C ILE D 28 -3.14 46.55 -6.72
N LYS D 29 -3.55 47.01 -7.90
CA LYS D 29 -4.89 46.74 -8.39
C LYS D 29 -5.04 45.28 -8.81
N VAL D 30 -6.28 44.80 -8.78
CA VAL D 30 -6.57 43.43 -9.20
C VAL D 30 -6.34 43.29 -10.70
N SER D 31 -6.67 44.32 -11.47
CA SER D 31 -6.50 44.25 -12.92
C SER D 31 -5.04 44.08 -13.32
N LYS D 32 -4.14 44.80 -12.64
CA LYS D 32 -2.72 44.64 -12.93
C LYS D 32 -2.22 43.25 -12.58
N ALA D 33 -2.69 42.70 -11.45
CA ALA D 33 -2.23 41.38 -11.03
C ALA D 33 -2.83 40.28 -11.89
N ALA D 34 -4.08 40.46 -12.33
CA ALA D 34 -4.68 39.49 -13.23
C ALA D 34 -3.95 39.43 -14.56
N ALA D 35 -3.51 40.59 -15.07
CA ALA D 35 -2.74 40.61 -16.31
C ALA D 35 -1.40 39.90 -16.16
N ASP D 36 -0.75 40.06 -15.01
CA ASP D 36 0.52 39.40 -14.77
C ASP D 36 0.37 37.88 -14.78
N LEU D 37 -0.74 37.38 -14.21
CA LEU D 37 -0.99 35.94 -14.24
C LEU D 37 -1.20 35.44 -15.66
N MET D 38 -1.89 36.22 -16.49
CA MET D 38 -2.07 35.84 -17.89
C MET D 38 -0.73 35.74 -18.61
N ALA D 39 0.09 36.80 -18.51
CA ALA D 39 1.30 36.90 -19.32
C ALA D 39 2.23 35.70 -19.09
N TYR D 40 2.32 35.22 -17.86
CA TYR D 40 3.17 34.07 -17.59
C TYR D 40 2.67 32.81 -18.30
N CYS D 41 1.35 32.72 -18.53
CA CYS D 41 0.80 31.51 -19.11
C CYS D 41 1.14 31.36 -20.60
N GLU D 42 0.99 32.43 -21.37
CA GLU D 42 1.36 32.34 -22.79
C GLU D 42 2.86 32.32 -23.00
N ALA D 43 3.65 32.81 -22.04
CA ALA D 43 5.10 32.75 -22.18
C ALA D 43 5.59 31.31 -22.13
N HIS D 44 5.04 30.49 -21.25
CA HIS D 44 5.48 29.11 -21.07
C HIS D 44 4.44 28.09 -21.54
N ALA D 45 3.56 28.49 -22.47
CA ALA D 45 2.49 27.59 -22.90
C ALA D 45 3.04 26.44 -23.74
N LYS D 46 4.07 26.70 -24.56
CA LYS D 46 4.59 25.70 -25.47
C LYS D 46 5.54 24.71 -24.81
N GLU D 47 5.89 24.93 -23.55
CA GLU D 47 6.82 24.06 -22.83
C GLU D 47 6.12 23.25 -21.75
N ASP D 48 4.80 23.13 -21.82
CA ASP D 48 4.01 22.38 -20.85
C ASP D 48 3.52 21.08 -21.48
N PRO D 49 4.11 19.94 -21.16
CA PRO D 49 3.67 18.68 -21.79
C PRO D 49 2.24 18.29 -21.48
N LEU D 50 1.69 18.74 -20.36
CA LEU D 50 0.33 18.34 -20.00
C LEU D 50 -0.73 19.09 -20.80
N LEU D 51 -0.37 20.23 -21.41
CA LEU D 51 -1.23 20.92 -22.36
C LEU D 51 -1.03 20.40 -23.78
N THR D 52 0.22 20.40 -24.25
CA THR D 52 0.53 19.93 -25.59
C THR D 52 1.31 18.64 -25.48
N PRO D 53 0.66 17.48 -25.62
CA PRO D 53 1.39 16.22 -25.47
C PRO D 53 2.46 16.05 -26.54
N VAL D 54 3.60 15.49 -26.12
CA VAL D 54 4.74 15.27 -27.01
C VAL D 54 4.50 14.00 -27.81
N PRO D 55 5.16 13.82 -28.96
CA PRO D 55 5.03 12.56 -29.69
C PRO D 55 5.60 11.40 -28.88
N ALA D 56 5.12 10.20 -29.21
CA ALA D 56 5.48 9.00 -28.46
C ALA D 56 6.97 8.71 -28.49
N SER D 57 7.70 9.26 -29.47
CA SER D 57 9.15 9.06 -29.52
C SER D 57 9.85 9.72 -28.33
N GLU D 58 9.39 10.90 -27.94
CA GLU D 58 10.02 11.66 -26.86
C GLU D 58 9.39 11.43 -25.51
N ASN D 59 8.41 10.54 -25.41
CA ASN D 59 7.74 10.27 -24.14
C ASN D 59 8.42 9.10 -23.44
N PRO D 60 8.98 9.30 -22.24
CA PRO D 60 9.66 8.21 -21.53
C PRO D 60 8.76 7.31 -20.70
N PHE D 61 7.44 7.45 -20.82
CA PHE D 61 6.51 6.63 -20.04
C PHE D 61 5.64 5.78 -20.94
N VAL E 2 35.42 -0.75 6.87
CA VAL E 2 35.30 -1.80 5.87
C VAL E 2 36.64 -2.51 5.71
N GLN E 3 36.60 -3.84 5.69
CA GLN E 3 37.83 -4.63 5.60
C GLN E 3 37.51 -5.99 4.98
N LEU E 4 38.37 -6.43 4.07
CA LEU E 4 38.28 -7.76 3.48
C LEU E 4 39.65 -8.42 3.60
N VAL E 5 39.69 -9.60 4.20
CA VAL E 5 40.94 -10.31 4.45
C VAL E 5 40.84 -11.69 3.81
N GLU E 6 41.81 -12.02 2.97
CA GLU E 6 41.86 -13.30 2.27
C GLU E 6 42.87 -14.22 2.92
N SER E 7 42.55 -15.52 2.94
CA SER E 7 43.39 -16.51 3.58
C SER E 7 43.56 -17.71 2.66
N GLY E 8 44.70 -18.40 2.81
CA GLY E 8 45.03 -19.50 1.94
C GLY E 8 46.31 -19.25 1.18
N GLY E 9 46.57 -20.03 0.15
CA GLY E 9 47.73 -19.83 -0.69
C GLY E 9 48.95 -20.58 -0.20
N GLY E 10 49.98 -20.57 -1.03
CA GLY E 10 51.22 -21.28 -0.76
C GLY E 10 51.68 -22.01 -2.01
N LEU E 11 52.48 -23.04 -1.79
CA LEU E 11 53.03 -23.84 -2.87
C LEU E 11 52.24 -25.15 -2.99
N VAL E 12 51.76 -25.43 -4.19
CA VAL E 12 50.93 -26.59 -4.46
C VAL E 12 51.51 -27.36 -5.65
N GLN E 13 51.55 -28.68 -5.53
CA GLN E 13 52.03 -29.51 -6.62
C GLN E 13 51.04 -29.51 -7.78
N PRO E 14 51.52 -29.64 -9.01
CA PRO E 14 50.59 -29.68 -10.16
C PRO E 14 49.65 -30.86 -10.06
N GLY E 15 48.41 -30.64 -10.49
CA GLY E 15 47.38 -31.65 -10.37
C GLY E 15 46.74 -31.77 -9.00
N GLY E 16 46.97 -30.80 -8.11
CA GLY E 16 46.46 -30.85 -6.76
C GLY E 16 45.18 -30.06 -6.59
N SER E 17 44.89 -29.69 -5.34
CA SER E 17 43.69 -28.96 -5.01
C SER E 17 43.92 -28.13 -3.76
N ARG E 18 43.38 -26.90 -3.75
CA ARG E 18 43.45 -26.03 -2.59
C ARG E 18 42.11 -25.30 -2.46
N LYS E 19 41.91 -24.68 -1.30
CA LYS E 19 40.71 -23.92 -1.01
C LYS E 19 41.10 -22.55 -0.46
N LEU E 20 40.48 -21.50 -0.98
CA LEU E 20 40.74 -20.14 -0.56
C LEU E 20 39.50 -19.54 0.11
N SER E 21 39.72 -18.64 1.05
CA SER E 21 38.64 -18.05 1.82
C SER E 21 38.89 -16.56 2.00
N CYS E 22 37.82 -15.83 2.32
CA CYS E 22 37.89 -14.40 2.58
C CYS E 22 36.91 -14.05 3.69
N SER E 23 37.30 -13.11 4.55
CA SER E 23 36.50 -12.69 5.70
C SER E 23 36.14 -11.22 5.57
N ALA E 24 34.88 -10.91 5.84
CA ALA E 24 34.35 -9.56 5.71
C ALA E 24 33.95 -9.01 7.06
N SER E 25 34.22 -7.72 7.28
CA SER E 25 33.86 -7.06 8.52
C SER E 25 33.73 -5.56 8.26
N GLY E 26 32.64 -4.97 8.75
CA GLY E 26 32.43 -3.54 8.61
C GLY E 26 31.38 -3.12 7.62
N PHE E 27 30.63 -4.05 7.03
CA PHE E 27 29.56 -3.70 6.11
C PHE E 27 28.57 -4.85 6.04
N ALA E 28 27.48 -4.62 5.32
CA ALA E 28 26.43 -5.62 5.16
C ALA E 28 26.81 -6.59 4.06
N PHE E 29 27.22 -7.80 4.45
CA PHE E 29 27.78 -8.76 3.50
C PHE E 29 26.70 -9.38 2.62
N SER E 30 25.46 -9.47 3.13
CA SER E 30 24.41 -10.19 2.42
C SER E 30 23.80 -9.42 1.27
N SER E 31 24.04 -8.11 1.18
CA SER E 31 23.48 -7.27 0.14
C SER E 31 24.47 -6.96 -0.97
N PHE E 32 25.58 -7.68 -1.05
CA PHE E 32 26.64 -7.41 -2.00
C PHE E 32 26.94 -8.65 -2.84
N GLY E 33 27.16 -8.43 -4.14
CA GLY E 33 27.75 -9.46 -4.96
C GLY E 33 29.26 -9.49 -4.80
N MET E 34 29.88 -10.61 -5.18
CA MET E 34 31.30 -10.81 -4.94
C MET E 34 31.98 -11.32 -6.20
N HIS E 35 33.25 -10.95 -6.36
CA HIS E 35 34.04 -11.30 -7.53
C HIS E 35 35.42 -11.81 -7.11
N TRP E 36 36.02 -12.61 -7.98
CA TRP E 36 37.40 -13.04 -7.86
C TRP E 36 38.17 -12.55 -9.07
N VAL E 37 39.31 -11.89 -8.83
CA VAL E 37 40.16 -11.37 -9.89
C VAL E 37 41.60 -11.73 -9.55
N ARG E 38 42.35 -12.24 -10.54
CA ARG E 38 43.72 -12.67 -10.33
C ARG E 38 44.66 -11.87 -11.24
N GLN E 39 45.92 -11.82 -10.82
CA GLN E 39 46.96 -11.04 -11.50
C GLN E 39 48.22 -11.90 -11.57
N ALA E 40 48.58 -12.33 -12.78
CA ALA E 40 49.79 -13.09 -12.97
C ALA E 40 51.02 -12.22 -12.72
N PRO E 41 52.16 -12.82 -12.34
CA PRO E 41 53.35 -12.01 -12.04
C PRO E 41 53.88 -11.24 -13.24
N GLU E 42 53.55 -11.64 -14.46
CA GLU E 42 54.01 -10.97 -15.68
C GLU E 42 52.83 -10.65 -16.59
N LYS E 43 51.77 -10.10 -16.01
CA LYS E 43 50.56 -9.77 -16.76
C LYS E 43 49.76 -8.77 -15.95
N GLY E 44 48.52 -8.53 -16.39
CA GLY E 44 47.62 -7.64 -15.69
C GLY E 44 46.50 -8.36 -14.97
N LEU E 45 45.34 -7.71 -14.87
CA LEU E 45 44.21 -8.27 -14.14
C LEU E 45 43.37 -9.17 -15.05
N GLU E 46 42.77 -10.19 -14.44
CA GLU E 46 41.93 -11.13 -15.16
C GLU E 46 40.78 -11.57 -14.27
N TRP E 47 39.56 -11.52 -14.81
CA TRP E 47 38.37 -11.90 -14.09
C TRP E 47 38.23 -13.41 -14.05
N VAL E 48 37.70 -13.93 -12.93
CA VAL E 48 37.64 -15.36 -12.70
C VAL E 48 36.22 -15.86 -12.51
N ALA E 49 35.52 -15.35 -11.50
CA ALA E 49 34.20 -15.88 -11.15
C ALA E 49 33.39 -14.81 -10.44
N TYR E 50 32.08 -15.06 -10.34
CA TYR E 50 31.16 -14.12 -9.71
C TYR E 50 29.96 -14.88 -9.14
N ILE E 51 29.59 -14.54 -7.91
CA ILE E 51 28.42 -15.10 -7.25
C ILE E 51 27.52 -13.95 -6.81
N SER E 52 26.23 -14.08 -7.03
CA SER E 52 25.29 -12.99 -6.83
C SER E 52 24.77 -12.99 -5.39
N SER E 53 24.12 -11.88 -5.03
CA SER E 53 23.44 -11.79 -3.75
C SER E 53 22.24 -12.72 -3.75
N GLY E 54 22.13 -13.54 -2.71
CA GLY E 54 21.13 -14.59 -2.68
C GLY E 54 21.54 -15.88 -3.36
N SER E 55 22.75 -15.94 -3.94
CA SER E 55 23.29 -17.15 -4.55
C SER E 55 22.40 -17.65 -5.70
N GLY E 56 21.80 -16.72 -6.43
CA GLY E 56 20.91 -17.09 -7.51
C GLY E 56 21.59 -17.18 -8.87
N THR E 57 22.78 -16.62 -9.00
CA THR E 57 23.49 -16.58 -10.27
C THR E 57 24.97 -16.81 -10.05
N ILE E 58 25.55 -17.69 -10.86
CA ILE E 58 26.99 -17.98 -10.81
C ILE E 58 27.52 -17.94 -12.23
N TYR E 59 28.63 -17.24 -12.44
CA TYR E 59 29.30 -17.17 -13.73
C TYR E 59 30.76 -17.59 -13.57
N TYR E 60 31.32 -18.15 -14.64
CA TYR E 60 32.70 -18.61 -14.64
C TYR E 60 33.39 -18.15 -15.92
N ALA E 61 34.71 -18.01 -15.85
CA ALA E 61 35.49 -17.78 -17.05
C ALA E 61 35.63 -19.07 -17.84
N ASP E 62 35.88 -18.92 -19.15
CA ASP E 62 35.96 -20.07 -20.03
C ASP E 62 37.13 -20.98 -19.71
N THR E 63 38.14 -20.48 -18.99
CA THR E 63 39.34 -21.23 -18.70
C THR E 63 39.36 -21.85 -17.32
N VAL E 64 38.27 -21.74 -16.57
CA VAL E 64 38.19 -22.33 -15.24
C VAL E 64 36.91 -23.14 -15.10
N LYS E 65 36.17 -23.27 -16.21
CA LYS E 65 34.90 -23.98 -16.18
C LYS E 65 35.13 -25.47 -15.95
N GLY E 66 34.36 -26.05 -15.04
CA GLY E 66 34.48 -27.46 -14.71
C GLY E 66 35.58 -27.80 -13.73
N ARG E 67 36.34 -26.82 -13.28
CA ARG E 67 37.46 -27.04 -12.36
C ARG E 67 37.35 -26.27 -11.07
N PHE E 68 36.82 -25.04 -11.11
CA PHE E 68 36.73 -24.17 -9.95
C PHE E 68 35.28 -24.06 -9.49
N THR E 69 35.09 -23.79 -8.21
CA THR E 69 33.76 -23.63 -7.64
C THR E 69 33.78 -22.47 -6.64
N ILE E 70 32.69 -21.69 -6.63
CA ILE E 70 32.58 -20.51 -5.78
C ILE E 70 31.32 -20.62 -4.93
N SER E 71 31.44 -20.32 -3.65
CA SER E 71 30.33 -20.41 -2.72
C SER E 71 30.51 -19.40 -1.60
N ARG E 72 29.41 -19.07 -0.93
CA ARG E 72 29.41 -18.07 0.13
C ARG E 72 28.66 -18.58 1.36
N ASP E 73 29.00 -18.03 2.51
CA ASP E 73 28.35 -18.34 3.78
C ASP E 73 27.99 -17.03 4.46
N ASP E 74 26.69 -16.72 4.52
CA ASP E 74 26.21 -15.46 5.06
C ASP E 74 26.25 -15.38 6.59
N PRO E 75 25.81 -16.42 7.31
CA PRO E 75 25.91 -16.35 8.78
C PRO E 75 27.33 -16.12 9.29
N LYS E 76 28.34 -16.68 8.64
CA LYS E 76 29.72 -16.52 9.08
C LYS E 76 30.48 -15.46 8.30
N ASN E 77 29.84 -14.80 7.32
CA ASN E 77 30.46 -13.72 6.54
C ASN E 77 31.76 -14.19 5.87
N THR E 78 31.63 -15.20 5.02
CA THR E 78 32.78 -15.80 4.38
C THR E 78 32.47 -16.13 2.92
N LEU E 79 33.48 -15.98 2.06
CA LEU E 79 33.41 -16.34 0.65
C LEU E 79 34.47 -17.37 0.35
N PHE E 80 34.12 -18.37 -0.46
CA PHE E 80 34.99 -19.51 -0.70
C PHE E 80 35.33 -19.64 -2.19
N LEU E 81 36.31 -20.50 -2.46
CA LEU E 81 36.73 -20.82 -3.82
C LEU E 81 37.47 -22.15 -3.79
N GLN E 82 36.94 -23.15 -4.47
CA GLN E 82 37.54 -24.48 -4.52
C GLN E 82 38.20 -24.68 -5.88
N MET E 83 39.45 -25.10 -5.88
CA MET E 83 40.23 -25.29 -7.10
C MET E 83 40.69 -26.73 -7.19
N THR E 84 40.53 -27.33 -8.36
CA THR E 84 40.98 -28.69 -8.62
C THR E 84 41.68 -28.75 -9.98
N SER E 85 42.55 -29.73 -10.13
CA SER E 85 43.33 -29.94 -11.36
C SER E 85 44.14 -28.68 -11.71
N LEU E 86 45.08 -28.36 -10.82
CA LEU E 86 45.83 -27.12 -10.92
C LEU E 86 47.00 -27.28 -11.88
N ARG E 87 47.05 -26.41 -12.89
CA ARG E 87 48.16 -26.35 -13.83
C ARG E 87 49.10 -25.21 -13.45
N SER E 88 50.20 -25.10 -14.20
CA SER E 88 51.22 -24.09 -13.92
C SER E 88 50.77 -22.68 -14.28
N GLU E 89 49.71 -22.53 -15.06
CA GLU E 89 49.21 -21.22 -15.46
C GLU E 89 48.33 -20.56 -14.41
N ASP E 90 48.09 -21.23 -13.29
CA ASP E 90 47.21 -20.73 -12.24
C ASP E 90 47.96 -19.99 -11.14
N THR E 91 49.27 -19.82 -11.26
CA THR E 91 50.05 -19.11 -10.26
C THR E 91 49.83 -17.61 -10.43
N ALA E 92 49.26 -16.97 -9.41
CA ALA E 92 48.92 -15.55 -9.47
C ALA E 92 48.57 -15.10 -8.05
N MET E 93 48.11 -13.86 -7.93
CA MET E 93 47.58 -13.32 -6.69
C MET E 93 46.09 -13.07 -6.87
N TYR E 94 45.28 -13.60 -5.96
CA TYR E 94 43.83 -13.59 -6.10
C TYR E 94 43.21 -12.55 -5.17
N TYR E 95 42.39 -11.68 -5.73
CA TYR E 95 41.76 -10.60 -5.00
C TYR E 95 40.28 -10.89 -4.80
N CYS E 96 39.68 -10.16 -3.86
CA CYS E 96 38.26 -10.29 -3.54
C CYS E 96 37.63 -8.91 -3.62
N VAL E 97 36.59 -8.77 -4.45
CA VAL E 97 35.99 -7.48 -4.75
C VAL E 97 34.49 -7.54 -4.46
N ARG E 98 33.97 -6.46 -3.89
CA ARG E 98 32.54 -6.32 -3.62
C ARG E 98 31.89 -5.40 -4.64
N SER E 99 30.60 -5.62 -4.88
CA SER E 99 29.86 -4.78 -5.82
C SER E 99 28.38 -4.85 -5.50
N ILE E 100 27.68 -3.73 -5.67
CA ILE E 100 26.25 -3.64 -5.46
C ILE E 100 25.61 -3.07 -6.72
N TYR E 101 24.35 -3.44 -6.97
CA TYR E 101 23.69 -3.13 -8.24
C TYR E 101 22.30 -2.56 -7.98
N TYR E 102 22.15 -1.26 -8.19
CA TYR E 102 20.84 -0.62 -8.29
C TYR E 102 21.04 0.70 -9.02
N TYR E 103 19.94 1.42 -9.24
CA TYR E 103 20.00 2.67 -10.00
C TYR E 103 20.85 3.71 -9.29
N GLY E 104 21.99 4.05 -9.87
CA GLY E 104 22.86 5.07 -9.33
C GLY E 104 23.98 4.58 -8.44
N SER E 105 24.16 3.26 -8.32
CA SER E 105 25.18 2.73 -7.43
C SER E 105 26.56 2.75 -8.11
N SER E 106 27.58 2.37 -7.34
CA SER E 106 28.96 2.34 -7.81
C SER E 106 29.56 0.96 -7.53
N PRO E 107 29.41 0.03 -8.47
CA PRO E 107 29.99 -1.30 -8.27
C PRO E 107 31.51 -1.28 -8.38
N PHE E 108 32.12 -2.38 -7.91
CA PHE E 108 33.57 -2.57 -7.92
C PHE E 108 34.27 -1.48 -7.10
N ASP E 109 33.70 -1.13 -5.96
CA ASP E 109 34.17 0.02 -5.19
C ASP E 109 35.21 -0.31 -4.13
N PHE E 110 35.30 -1.56 -3.68
CA PHE E 110 36.26 -1.93 -2.65
C PHE E 110 37.00 -3.20 -3.04
N TRP E 111 38.31 -3.19 -2.86
CA TRP E 111 39.16 -4.34 -3.11
C TRP E 111 39.90 -4.69 -1.81
N GLY E 112 40.33 -5.95 -1.71
CA GLY E 112 41.10 -6.42 -0.58
C GLY E 112 42.53 -6.74 -0.94
N GLN E 113 43.29 -7.12 0.08
CA GLN E 113 44.66 -7.58 -0.09
C GLN E 113 44.65 -9.08 -0.32
N GLY E 114 45.25 -9.52 -1.42
CA GLY E 114 45.12 -10.90 -1.87
C GLY E 114 46.10 -11.84 -1.22
N THR E 115 46.03 -13.09 -1.66
CA THR E 115 46.94 -14.15 -1.23
C THR E 115 47.62 -14.74 -2.45
N THR E 116 48.92 -14.97 -2.34
CA THR E 116 49.69 -15.53 -3.45
C THR E 116 49.55 -17.04 -3.50
N LEU E 117 49.51 -17.59 -4.70
CA LEU E 117 49.48 -19.02 -4.94
C LEU E 117 50.49 -19.36 -6.02
N THR E 118 51.33 -20.35 -5.77
CA THR E 118 52.33 -20.79 -6.73
C THR E 118 52.21 -22.29 -6.93
N VAL E 119 52.32 -22.72 -8.19
CA VAL E 119 52.23 -24.13 -8.57
C VAL E 119 53.48 -24.49 -9.34
N SER E 120 54.20 -25.50 -8.85
CA SER E 120 55.45 -25.91 -9.47
C SER E 120 55.21 -26.62 -10.80
N SER E 136 34.06 -14.18 -29.40
CA SER E 136 32.86 -13.45 -29.07
C SER E 136 33.11 -12.42 -27.97
N ASP E 137 34.24 -12.56 -27.29
CA ASP E 137 34.59 -11.63 -26.22
C ASP E 137 35.00 -10.28 -26.79
N ILE E 138 34.87 -9.25 -25.96
CA ILE E 138 35.24 -7.89 -26.34
C ILE E 138 36.70 -7.67 -26.02
N VAL E 139 37.43 -7.08 -26.96
CA VAL E 139 38.86 -6.85 -26.83
C VAL E 139 39.10 -5.38 -26.54
N MET E 140 39.73 -5.09 -25.41
CA MET E 140 40.07 -3.73 -25.01
C MET E 140 41.55 -3.50 -25.25
N THR E 141 41.88 -2.47 -26.02
CA THR E 141 43.25 -2.17 -26.41
C THR E 141 43.69 -0.84 -25.83
N GLN E 142 44.78 -0.86 -25.09
CA GLN E 142 45.43 0.35 -24.58
C GLN E 142 46.80 0.43 -25.26
N ALA E 143 46.91 1.27 -26.28
CA ALA E 143 48.10 1.28 -27.13
C ALA E 143 49.34 1.68 -26.34
N THR E 144 49.23 2.70 -25.49
CA THR E 144 50.38 3.15 -24.73
C THR E 144 50.78 2.11 -23.69
N SER E 145 52.09 1.95 -23.51
CA SER E 145 52.63 1.02 -22.53
C SER E 145 53.46 1.69 -21.45
N SER E 146 54.05 2.86 -21.73
CA SER E 146 54.82 3.59 -20.74
C SER E 146 54.93 5.04 -21.18
N VAL E 147 54.80 5.96 -20.24
CA VAL E 147 54.85 7.39 -20.52
C VAL E 147 55.71 8.07 -19.46
N PRO E 148 56.78 8.79 -19.83
CA PRO E 148 57.57 9.51 -18.82
C PRO E 148 57.03 10.91 -18.58
N VAL E 149 56.80 11.25 -17.32
CA VAL E 149 56.26 12.55 -16.97
C VAL E 149 57.02 13.16 -15.80
N PRO E 151 55.87 16.67 -13.08
CA PRO E 151 54.96 17.18 -12.05
C PRO E 151 54.40 18.55 -12.42
N GLY E 152 53.23 18.89 -11.88
CA GLY E 152 52.59 20.14 -12.22
C GLY E 152 52.20 20.25 -13.67
N GLU E 153 51.82 19.13 -14.30
CA GLU E 153 51.46 19.12 -15.71
C GLU E 153 50.16 18.37 -15.93
N SER E 154 49.80 18.14 -17.19
CA SER E 154 48.60 17.43 -17.55
C SER E 154 48.95 16.26 -18.47
N VAL E 155 48.33 15.11 -18.21
CA VAL E 155 48.54 13.91 -19.02
C VAL E 155 47.18 13.34 -19.42
N SER E 156 47.19 12.58 -20.51
CA SER E 156 45.99 11.93 -21.03
C SER E 156 46.31 10.49 -21.40
N ILE E 157 45.35 9.59 -21.12
CA ILE E 157 45.48 8.18 -21.45
C ILE E 157 44.28 7.80 -22.31
N SER E 158 44.47 6.75 -23.13
CA SER E 158 43.44 6.34 -24.08
C SER E 158 43.21 4.84 -23.98
N CYS E 159 41.99 4.43 -24.35
CA CYS E 159 41.59 3.04 -24.39
C CYS E 159 40.62 2.86 -25.55
N ARG E 160 40.60 1.66 -26.12
CA ARG E 160 39.78 1.39 -27.30
C ARG E 160 38.98 0.12 -27.09
N SER E 161 37.86 0.03 -27.81
CA SER E 161 36.94 -1.10 -27.69
C SER E 161 36.68 -1.71 -29.07
N SER E 162 36.40 -3.02 -29.06
CA SER E 162 36.07 -3.73 -30.29
C SER E 162 34.65 -3.49 -30.75
N LYS E 163 33.73 -3.20 -29.84
CA LYS E 163 32.35 -2.87 -30.18
C LYS E 163 31.87 -1.75 -29.28
N SER E 164 30.85 -1.04 -29.75
CA SER E 164 30.34 0.12 -29.04
C SER E 164 29.77 -0.28 -27.68
N LEU E 165 30.16 0.45 -26.64
CA LEU E 165 29.69 0.21 -25.29
C LEU E 165 28.46 1.05 -24.93
N LEU E 166 27.92 1.81 -25.88
CA LEU E 166 26.75 2.63 -25.63
C LEU E 166 25.49 1.80 -25.80
N HIS E 167 24.83 1.49 -24.70
CA HIS E 167 23.60 0.71 -24.72
C HIS E 167 22.42 1.60 -25.13
N SER E 168 21.30 0.95 -25.47
CA SER E 168 20.11 1.67 -25.90
C SER E 168 19.45 2.45 -24.77
N ASN E 169 19.83 2.21 -23.52
CA ASN E 169 19.25 2.93 -22.39
C ASN E 169 19.98 4.23 -22.08
N GLY E 170 21.06 4.53 -22.78
CA GLY E 170 21.78 5.77 -22.58
C GLY E 170 22.96 5.70 -21.64
N ASN E 171 23.42 4.51 -21.28
CA ASN E 171 24.54 4.33 -20.37
C ASN E 171 25.72 3.74 -21.12
N THR E 172 26.91 4.31 -20.88
CA THR E 172 28.16 3.76 -21.37
C THR E 172 28.86 3.05 -20.21
N TYR E 173 29.18 1.78 -20.40
CA TYR E 173 29.71 0.95 -19.33
C TYR E 173 31.23 0.84 -19.47
N LEU E 174 31.92 1.86 -18.97
CA LEU E 174 33.37 1.91 -18.95
C LEU E 174 33.85 2.26 -17.54
N TYR E 175 34.91 1.59 -17.11
CA TYR E 175 35.43 1.75 -15.75
C TYR E 175 36.94 1.94 -15.80
N TRP E 176 37.46 2.69 -14.82
CA TRP E 176 38.88 2.98 -14.71
C TRP E 176 39.38 2.57 -13.33
N PHE E 177 40.67 2.25 -13.24
CA PHE E 177 41.30 1.83 -11.99
C PHE E 177 42.72 2.35 -11.92
N LEU E 178 43.26 2.36 -10.71
CA LEU E 178 44.64 2.78 -10.46
C LEU E 178 45.27 1.83 -9.45
N GLN E 179 46.50 1.41 -9.71
CA GLN E 179 47.23 0.49 -8.83
C GLN E 179 48.59 1.09 -8.52
N ARG E 180 48.73 1.65 -7.32
CA ARG E 180 50.00 2.16 -6.85
C ARG E 180 50.94 0.99 -6.57
N PRO E 181 52.25 1.22 -6.59
CA PRO E 181 53.19 0.13 -6.33
C PRO E 181 52.98 -0.49 -4.96
N GLY E 182 52.97 -1.81 -4.92
CA GLY E 182 52.78 -2.54 -3.67
C GLY E 182 51.45 -2.30 -3.01
N GLN E 183 50.39 -2.12 -3.79
CA GLN E 183 49.06 -1.88 -3.26
C GLN E 183 48.02 -2.57 -4.14
N SER E 184 46.78 -2.54 -3.69
CA SER E 184 45.63 -3.09 -4.41
C SER E 184 44.94 -2.01 -5.24
N PRO E 185 44.39 -2.37 -6.38
CA PRO E 185 43.75 -1.37 -7.25
C PRO E 185 42.53 -0.75 -6.60
N GLN E 186 42.25 0.48 -7.00
CA GLN E 186 41.12 1.25 -6.47
C GLN E 186 40.38 1.93 -7.60
N LEU E 187 39.11 2.24 -7.34
CA LEU E 187 38.22 2.80 -8.35
C LEU E 187 38.42 4.30 -8.50
N LEU E 188 38.42 4.78 -9.74
CA LEU E 188 38.52 6.21 -10.04
C LEU E 188 37.29 6.75 -10.74
N ILE E 189 36.89 6.14 -11.87
CA ILE E 189 35.77 6.60 -12.68
C ILE E 189 34.88 5.41 -12.98
N TYR E 190 33.56 5.59 -12.84
CA TYR E 190 32.60 4.55 -13.19
C TYR E 190 31.58 5.11 -14.16
N ARG E 191 31.25 4.29 -15.17
CA ARG E 191 30.32 4.65 -16.25
C ARG E 191 30.80 5.88 -17.02
N MET E 192 32.12 6.00 -17.16
CA MET E 192 32.79 6.85 -18.14
C MET E 192 32.73 8.34 -17.82
N SER E 193 31.95 8.74 -16.82
CA SER E 193 31.91 10.16 -16.48
C SER E 193 31.95 10.41 -14.98
N ASN E 194 31.44 9.46 -14.19
CA ASN E 194 31.21 9.71 -12.78
C ASN E 194 32.49 9.56 -11.97
N LEU E 195 32.61 10.37 -10.93
CA LEU E 195 33.79 10.42 -10.08
C LEU E 195 33.49 9.73 -8.76
N ALA E 196 34.34 8.79 -8.37
CA ALA E 196 34.12 8.01 -7.17
C ALA E 196 34.39 8.85 -5.92
N SER E 197 33.85 8.37 -4.80
CA SER E 197 34.03 9.06 -3.53
C SER E 197 35.48 9.01 -3.07
N GLY E 198 35.93 10.08 -2.43
CA GLY E 198 37.29 10.17 -1.96
C GLY E 198 38.33 10.23 -3.07
N VAL E 199 38.01 10.91 -4.16
CA VAL E 199 38.93 11.06 -5.28
C VAL E 199 39.00 12.55 -5.65
N PRO E 200 40.19 13.12 -5.80
CA PRO E 200 40.29 14.55 -6.12
C PRO E 200 39.64 14.88 -7.46
N ASP E 201 39.14 16.11 -7.56
CA ASP E 201 38.40 16.56 -8.73
C ASP E 201 39.26 16.68 -9.98
N ARG E 202 40.59 16.61 -9.85
CA ARG E 202 41.47 16.75 -10.99
C ARG E 202 41.39 15.59 -11.97
N PHE E 203 40.72 14.49 -11.60
CA PHE E 203 40.50 13.38 -12.50
C PHE E 203 39.22 13.60 -13.29
N SER E 204 39.29 13.41 -14.60
CA SER E 204 38.14 13.60 -15.47
C SER E 204 38.09 12.50 -16.51
N GLY E 205 36.88 12.21 -16.99
CA GLY E 205 36.70 11.19 -18.01
C GLY E 205 35.75 11.63 -19.10
N SER E 206 36.06 11.29 -20.35
CA SER E 206 35.22 11.64 -21.47
C SER E 206 35.48 10.67 -22.60
N GLY E 207 34.57 10.66 -23.57
CA GLY E 207 34.71 9.79 -24.71
C GLY E 207 33.36 9.49 -25.33
N SER E 208 33.40 8.65 -26.36
CA SER E 208 32.21 8.18 -27.06
C SER E 208 32.37 6.68 -27.27
N GLY E 209 31.51 6.12 -28.11
CA GLY E 209 31.63 4.72 -28.45
C GLY E 209 32.97 4.40 -29.09
N THR E 210 33.64 3.37 -28.58
CA THR E 210 34.85 2.79 -29.16
C THR E 210 36.07 3.69 -28.92
N ALA E 211 35.85 4.91 -28.41
CA ALA E 211 36.95 5.84 -28.16
C ALA E 211 36.75 6.51 -26.81
N PHE E 212 37.72 6.34 -25.92
CA PHE E 212 37.63 6.88 -24.57
C PHE E 212 38.96 7.50 -24.17
N THR E 213 38.90 8.45 -23.23
CA THR E 213 40.10 9.11 -22.76
C THR E 213 39.94 9.47 -21.29
N LEU E 214 41.05 9.39 -20.55
CA LEU E 214 41.12 9.78 -19.15
C LEU E 214 42.16 10.89 -19.01
N THR E 215 41.76 12.00 -18.41
CA THR E 215 42.60 13.19 -18.32
C THR E 215 42.94 13.46 -16.86
N ILE E 216 44.22 13.66 -16.58
CA ILE E 216 44.71 14.04 -15.26
C ILE E 216 45.31 15.44 -15.38
N SER E 217 44.77 16.37 -14.60
CA SER E 217 45.23 17.76 -14.62
C SER E 217 45.92 18.07 -13.30
N ARG E 218 46.97 18.90 -13.38
CA ARG E 218 47.78 19.27 -12.22
C ARG E 218 48.34 18.04 -11.53
N LEU E 219 49.15 17.29 -12.29
CA LEU E 219 49.69 16.03 -11.82
C LEU E 219 50.54 16.24 -10.57
N GLU E 220 50.37 15.36 -9.60
CA GLU E 220 51.12 15.39 -8.34
C GLU E 220 51.75 14.03 -8.11
N ALA E 221 52.47 13.92 -7.00
CA ALA E 221 53.01 12.62 -6.60
C ALA E 221 51.88 11.71 -6.15
N GLU E 222 52.23 10.44 -5.93
CA GLU E 222 51.30 9.38 -5.56
C GLU E 222 50.27 9.10 -6.65
N ASP E 223 50.42 9.70 -7.83
CA ASP E 223 49.61 9.38 -8.99
C ASP E 223 50.31 8.44 -9.95
N VAL E 224 51.45 7.90 -9.56
CA VAL E 224 52.23 6.99 -10.39
C VAL E 224 51.73 5.57 -10.20
N GLY E 225 51.73 4.81 -11.28
CA GLY E 225 51.25 3.44 -11.24
C GLY E 225 50.75 3.02 -12.62
N VAL E 226 49.84 2.05 -12.62
CA VAL E 226 49.30 1.48 -13.84
C VAL E 226 47.79 1.72 -13.88
N TYR E 227 47.29 2.09 -15.04
CA TYR E 227 45.87 2.39 -15.25
C TYR E 227 45.24 1.35 -16.15
N TYR E 228 44.03 0.92 -15.79
CA TYR E 228 43.32 -0.14 -16.50
C TYR E 228 41.93 0.34 -16.90
N CYS E 229 41.47 -0.11 -18.06
CA CYS E 229 40.11 0.13 -18.52
C CYS E 229 39.37 -1.20 -18.59
N MET E 230 38.15 -1.23 -18.05
CA MET E 230 37.31 -2.42 -18.03
C MET E 230 35.94 -2.10 -18.62
N GLN E 231 35.33 -3.11 -19.25
CA GLN E 231 33.97 -3.02 -19.74
C GLN E 231 33.07 -3.90 -18.89
N HIS E 232 31.83 -3.45 -18.69
CA HIS E 232 30.83 -4.18 -17.93
C HIS E 232 29.56 -4.40 -18.73
N LEU E 233 29.68 -4.46 -20.05
CA LEU E 233 28.49 -4.61 -20.91
C LEU E 233 27.93 -6.02 -20.81
N GLU E 234 28.79 -7.03 -20.90
CA GLU E 234 28.32 -8.42 -20.89
C GLU E 234 29.44 -9.32 -20.41
N TYR E 235 29.06 -10.47 -19.86
CA TYR E 235 30.02 -11.44 -19.35
C TYR E 235 30.60 -12.27 -20.50
N PRO E 236 31.89 -12.64 -20.43
CA PRO E 236 32.85 -12.31 -19.38
C PRO E 236 33.36 -10.88 -19.43
N LEU E 237 33.82 -10.37 -18.28
CA LEU E 237 34.37 -9.03 -18.20
C LEU E 237 35.84 -9.04 -18.59
N THR E 238 36.24 -8.08 -19.42
CA THR E 238 37.58 -8.03 -19.96
C THR E 238 38.28 -6.75 -19.52
N PHE E 239 39.60 -6.83 -19.41
CA PHE E 239 40.44 -5.74 -18.93
C PHE E 239 41.36 -5.27 -20.05
N GLY E 240 42.15 -4.23 -19.75
CA GLY E 240 43.14 -3.72 -20.66
C GLY E 240 44.55 -4.17 -20.29
N ALA E 241 45.50 -3.82 -21.15
CA ALA E 241 46.88 -4.22 -20.93
C ALA E 241 47.53 -3.39 -19.82
N GLY E 242 47.23 -2.10 -19.75
CA GLY E 242 47.76 -1.24 -18.72
C GLY E 242 48.82 -0.27 -19.19
N THR E 243 48.69 0.99 -18.79
CA THR E 243 49.64 2.04 -19.13
C THR E 243 50.33 2.53 -17.87
N LYS E 244 51.66 2.59 -17.90
CA LYS E 244 52.46 2.94 -16.73
C LYS E 244 52.96 4.37 -16.82
N LEU E 245 52.87 5.08 -15.69
CA LEU E 245 53.37 6.44 -15.57
C LEU E 245 54.57 6.46 -14.65
N GLU E 246 55.67 7.03 -15.13
CA GLU E 246 56.93 7.07 -14.39
C GLU E 246 57.47 8.50 -14.38
N LEU E 247 58.18 8.84 -13.30
CA LEU E 247 58.77 10.15 -13.16
C LEU E 247 59.94 10.34 -14.13
#